data_1PSD
#
_entry.id   1PSD
#
_cell.length_a   136.100
_cell.length_b   146.300
_cell.length_c   53.300
_cell.angle_alpha   90.00
_cell.angle_beta   90.00
_cell.angle_gamma   90.00
#
_symmetry.space_group_name_H-M   'P 21 21 2'
#
loop_
_entity.id
_entity.type
_entity.pdbx_description
1 polymer 'D-3-PHOSPHOGLYCERATE DEHYDROGENASE (PHOSPHOGLYCERATE DEHYDROGENASE)'
2 non-polymer NICOTINAMIDE-ADENINE-DINUCLEOTIDE
3 non-polymer SERINE
4 water water
#
_entity_poly.entity_id   1
_entity_poly.type   'polypeptide(L)'
_entity_poly.pdbx_seq_one_letter_code
;AKVSLEKDKIKFLLVEGVHQKALESLRAAGYTNIEFHKGALDDEQLKESIRDAHFIGLRSRTHLTEDVINAAEKLVAIGC
FCIGTNQVDLDAAAKRGIPVFNAPFSNTRSVAELVIGELLLLLRGVPEANAKAHRGVWNKLAAGSFEARGKKLGIIGYGH
IGTQLGILAESLGMYVYFYDIENKLPLGNATQVQHLSDLLNMSDVVSLHVPENPSTKNMMGAKEISLMKPGSLLINASRG
TVVDIPALCDALASKHLAGAAIDVFPTEPATNSDPFTSPLCEFDNVLLTPHIGGSTQEAQENIGLEVAGKLIKYSDNGST
LSAVNFPEVSLPLHGGRRLMHIHENRPGVLTALNKIFAEQGVNIAAQYLQTSAQMGYVVIDIEADEDVAEKALQAMKAIP
GTIRARLLY
;
_entity_poly.pdbx_strand_id   A,B
#
# COMPACT_ATOMS: atom_id res chain seq x y z
N GLU A 6 -39.99 -7.84 -18.32
CA GLU A 6 -40.76 -7.42 -17.13
C GLU A 6 -41.93 -8.37 -16.93
N LYS A 7 -41.82 -9.29 -15.98
CA LYS A 7 -42.90 -10.24 -15.70
C LYS A 7 -43.03 -10.63 -14.23
N ASP A 8 -44.27 -10.79 -13.78
CA ASP A 8 -44.56 -11.13 -12.40
C ASP A 8 -44.28 -12.58 -12.03
N LYS A 9 -44.32 -13.48 -13.03
CA LYS A 9 -44.06 -14.88 -12.75
C LYS A 9 -42.87 -15.49 -13.48
N ILE A 10 -41.86 -14.67 -13.73
CA ILE A 10 -40.64 -15.15 -14.37
C ILE A 10 -39.66 -15.24 -13.19
N LYS A 11 -39.65 -16.42 -12.57
CA LYS A 11 -38.83 -16.71 -11.41
C LYS A 11 -37.33 -16.60 -11.58
N PHE A 12 -36.72 -15.83 -10.70
CA PHE A 12 -35.28 -15.62 -10.66
C PHE A 12 -34.72 -16.29 -9.42
N LEU A 13 -33.82 -17.25 -9.60
CA LEU A 13 -33.20 -17.95 -8.48
C LEU A 13 -31.78 -17.45 -8.31
N LEU A 14 -31.52 -16.73 -7.23
CA LEU A 14 -30.19 -16.22 -6.97
C LEU A 14 -29.61 -16.89 -5.72
N VAL A 15 -28.41 -17.44 -5.84
CA VAL A 15 -27.73 -18.10 -4.73
C VAL A 15 -26.32 -17.54 -4.47
N GLU A 16 -25.72 -18.00 -3.39
CA GLU A 16 -24.39 -17.58 -3.00
C GLU A 16 -24.19 -16.09 -2.75
N GLY A 17 -25.23 -15.42 -2.28
CA GLY A 17 -25.14 -14.01 -1.96
C GLY A 17 -24.61 -13.05 -3.02
N VAL A 18 -25.38 -12.88 -4.08
CA VAL A 18 -25.01 -11.97 -5.14
C VAL A 18 -25.30 -10.55 -4.62
N HIS A 19 -24.43 -9.61 -4.95
CA HIS A 19 -24.56 -8.24 -4.49
C HIS A 19 -25.95 -7.62 -4.68
N GLN A 20 -26.32 -6.75 -3.73
CA GLN A 20 -27.62 -6.06 -3.75
C GLN A 20 -27.92 -5.26 -5.01
N LYS A 21 -26.88 -4.81 -5.70
CA LYS A 21 -27.06 -4.04 -6.92
C LYS A 21 -27.66 -4.85 -8.06
N ALA A 22 -27.47 -6.17 -8.03
CA ALA A 22 -28.02 -7.04 -9.05
C ALA A 22 -29.51 -7.14 -8.79
N LEU A 23 -29.85 -7.42 -7.54
CA LEU A 23 -31.24 -7.53 -7.10
C LEU A 23 -31.94 -6.26 -7.50
N GLU A 24 -31.28 -5.15 -7.22
CA GLU A 24 -31.82 -3.84 -7.53
C GLU A 24 -32.09 -3.65 -9.01
N SER A 25 -31.15 -4.05 -9.88
CA SER A 25 -31.31 -3.91 -11.32
C SER A 25 -32.37 -4.81 -11.96
N LEU A 26 -32.60 -5.99 -11.39
CA LEU A 26 -33.63 -6.89 -11.90
C LEU A 26 -34.98 -6.20 -11.73
N ARG A 27 -35.26 -5.75 -10.51
CA ARG A 27 -36.50 -5.05 -10.20
C ARG A 27 -36.70 -3.84 -11.11
N ALA A 28 -35.62 -3.11 -11.34
CA ALA A 28 -35.68 -1.94 -12.21
C ALA A 28 -36.18 -2.36 -13.57
N ALA A 29 -35.78 -3.56 -14.00
CA ALA A 29 -36.20 -4.10 -15.28
C ALA A 29 -37.57 -4.78 -15.15
N GLY A 30 -38.32 -4.38 -14.14
CA GLY A 30 -39.63 -4.96 -13.91
C GLY A 30 -39.64 -6.41 -13.48
N TYR A 31 -38.49 -6.94 -13.09
CA TYR A 31 -38.42 -8.34 -12.65
C TYR A 31 -38.51 -8.47 -11.14
N THR A 32 -39.70 -8.82 -10.67
CA THR A 32 -40.02 -8.96 -9.25
C THR A 32 -39.82 -10.32 -8.60
N ASN A 33 -40.30 -11.38 -9.24
CA ASN A 33 -40.17 -12.71 -8.66
C ASN A 33 -38.71 -13.14 -8.45
N ILE A 34 -38.16 -12.79 -7.28
CA ILE A 34 -36.78 -13.12 -6.94
C ILE A 34 -36.66 -13.97 -5.67
N GLU A 35 -36.05 -15.15 -5.79
CA GLU A 35 -35.83 -16.04 -4.66
C GLU A 35 -34.32 -15.96 -4.34
N PHE A 36 -33.99 -15.13 -3.36
CA PHE A 36 -32.62 -14.92 -2.94
C PHE A 36 -32.09 -15.88 -1.87
N HIS A 37 -30.79 -16.10 -1.87
CA HIS A 37 -30.14 -16.97 -0.91
C HIS A 37 -28.72 -16.46 -0.67
N LYS A 38 -28.50 -16.00 0.55
CA LYS A 38 -27.21 -15.48 0.99
C LYS A 38 -26.12 -16.52 0.84
N GLY A 39 -26.49 -17.79 0.96
CA GLY A 39 -25.52 -18.86 0.86
C GLY A 39 -25.81 -19.86 -0.25
N ALA A 40 -25.07 -20.97 -0.23
CA ALA A 40 -25.23 -22.03 -1.22
C ALA A 40 -26.39 -22.93 -0.84
N LEU A 41 -26.86 -23.71 -1.80
CA LEU A 41 -27.99 -24.62 -1.61
C LEU A 41 -27.57 -26.02 -2.04
N ASP A 42 -27.78 -26.97 -1.14
CA ASP A 42 -27.43 -28.37 -1.41
C ASP A 42 -28.27 -28.94 -2.54
N ASP A 43 -27.70 -29.89 -3.27
CA ASP A 43 -28.33 -30.56 -4.42
C ASP A 43 -29.83 -30.87 -4.27
N GLU A 44 -30.17 -31.51 -3.16
CA GLU A 44 -31.56 -31.87 -2.88
C GLU A 44 -32.46 -30.63 -2.86
N GLN A 45 -32.01 -29.59 -2.16
CA GLN A 45 -32.77 -28.35 -2.03
C GLN A 45 -32.67 -27.48 -3.28
N LEU A 46 -31.53 -27.55 -3.95
CA LEU A 46 -31.28 -26.78 -5.15
C LEU A 46 -32.33 -27.13 -6.20
N LYS A 47 -32.57 -28.43 -6.36
CA LYS A 47 -33.54 -28.94 -7.32
C LYS A 47 -34.98 -28.43 -7.14
N GLU A 48 -35.48 -28.45 -5.91
CA GLU A 48 -36.84 -28.00 -5.67
C GLU A 48 -36.98 -26.51 -6.04
N SER A 49 -35.92 -25.75 -5.80
CA SER A 49 -35.90 -24.30 -6.07
C SER A 49 -35.76 -23.97 -7.56
N ILE A 50 -34.78 -24.59 -8.19
CA ILE A 50 -34.48 -24.35 -9.60
C ILE A 50 -35.52 -24.90 -10.58
N ARG A 51 -36.39 -25.81 -10.11
CA ARG A 51 -37.40 -26.41 -10.97
C ARG A 51 -38.22 -25.42 -11.78
N ASP A 52 -39.10 -24.68 -11.14
CA ASP A 52 -39.92 -23.73 -11.89
C ASP A 52 -39.23 -22.36 -12.05
N ALA A 53 -37.91 -22.36 -11.95
CA ALA A 53 -37.13 -21.12 -12.08
C ALA A 53 -36.74 -20.88 -13.53
N HIS A 54 -36.84 -19.63 -13.97
CA HIS A 54 -36.47 -19.29 -15.34
C HIS A 54 -35.00 -18.92 -15.43
N PHE A 55 -34.55 -18.10 -14.49
CA PHE A 55 -33.15 -17.67 -14.47
C PHE A 55 -32.51 -18.00 -13.13
N ILE A 56 -31.20 -18.30 -13.19
CA ILE A 56 -30.45 -18.61 -11.99
C ILE A 56 -29.12 -17.86 -12.01
N GLY A 57 -28.79 -17.21 -10.89
CA GLY A 57 -27.53 -16.50 -10.78
C GLY A 57 -26.75 -17.26 -9.73
N LEU A 58 -25.60 -17.82 -10.10
CA LEU A 58 -24.82 -18.58 -9.15
C LEU A 58 -23.35 -18.15 -9.18
N ARG A 59 -22.58 -18.67 -8.22
CA ARG A 59 -21.17 -18.32 -8.15
C ARG A 59 -20.29 -19.56 -8.11
N SER A 60 -19.06 -19.38 -7.69
CA SER A 60 -18.09 -20.45 -7.61
C SER A 60 -18.39 -21.75 -6.86
N ARG A 61 -19.42 -21.77 -6.02
CA ARG A 61 -19.71 -22.99 -5.26
C ARG A 61 -20.84 -23.88 -5.76
N THR A 62 -21.88 -23.30 -6.34
CA THR A 62 -22.99 -24.09 -6.86
C THR A 62 -22.48 -24.85 -8.08
N HIS A 63 -22.87 -26.12 -8.17
CA HIS A 63 -22.46 -26.97 -9.29
C HIS A 63 -23.64 -27.42 -10.14
N LEU A 64 -23.78 -26.82 -11.31
CA LEU A 64 -24.86 -27.15 -12.23
C LEU A 64 -24.39 -28.27 -13.15
N THR A 65 -24.62 -29.49 -12.70
CA THR A 65 -24.27 -30.69 -13.45
C THR A 65 -25.44 -31.07 -14.35
N GLU A 66 -25.14 -31.75 -15.45
CA GLU A 66 -26.16 -32.19 -16.42
C GLU A 66 -27.42 -32.67 -15.72
N ASP A 67 -27.22 -33.38 -14.62
CA ASP A 67 -28.32 -33.90 -13.82
C ASP A 67 -29.25 -32.76 -13.40
N VAL A 68 -28.67 -31.73 -12.77
CA VAL A 68 -29.45 -30.58 -12.30
C VAL A 68 -30.04 -29.81 -13.46
N ILE A 69 -29.23 -29.56 -14.49
CA ILE A 69 -29.68 -28.84 -15.68
C ILE A 69 -30.92 -29.52 -16.27
N ASN A 70 -30.89 -30.86 -16.32
CA ASN A 70 -32.01 -31.64 -16.84
C ASN A 70 -33.22 -31.60 -15.90
N ALA A 71 -32.99 -31.31 -14.63
CA ALA A 71 -34.07 -31.21 -13.64
C ALA A 71 -34.72 -29.82 -13.72
N ALA A 72 -34.01 -28.89 -14.36
CA ALA A 72 -34.50 -27.53 -14.53
C ALA A 72 -35.45 -27.54 -15.73
N GLU A 73 -36.72 -27.27 -15.47
CA GLU A 73 -37.71 -27.27 -16.54
C GLU A 73 -37.92 -25.93 -17.22
N LYS A 74 -38.07 -24.87 -16.44
CA LYS A 74 -38.29 -23.54 -17.00
C LYS A 74 -36.99 -22.72 -17.15
N LEU A 75 -35.85 -23.40 -17.05
CA LEU A 75 -34.55 -22.73 -17.14
C LEU A 75 -34.29 -22.14 -18.53
N VAL A 76 -34.27 -20.82 -18.61
CA VAL A 76 -34.01 -20.11 -19.86
C VAL A 76 -32.55 -19.63 -20.02
N ALA A 77 -31.92 -19.13 -18.95
CA ALA A 77 -30.53 -18.67 -19.05
C ALA A 77 -29.79 -18.78 -17.73
N ILE A 78 -28.48 -19.01 -17.79
CA ILE A 78 -27.63 -19.15 -16.60
C ILE A 78 -26.67 -17.97 -16.43
N GLY A 79 -26.57 -17.45 -15.21
CA GLY A 79 -25.69 -16.31 -14.98
C GLY A 79 -24.66 -16.50 -13.89
N CYS A 80 -23.39 -16.52 -14.27
CA CYS A 80 -22.28 -16.69 -13.33
C CYS A 80 -21.72 -15.35 -12.84
N PHE A 81 -22.04 -14.99 -11.61
CA PHE A 81 -21.54 -13.74 -11.05
C PHE A 81 -20.09 -13.87 -10.58
N CYS A 82 -19.21 -14.20 -11.52
CA CYS A 82 -17.80 -14.38 -11.23
C CYS A 82 -17.07 -14.56 -12.55
N ILE A 83 -15.75 -14.69 -12.51
CA ILE A 83 -15.01 -14.85 -13.76
C ILE A 83 -14.88 -16.34 -14.13
N GLY A 84 -15.10 -17.21 -13.16
CA GLY A 84 -15.02 -18.63 -13.42
C GLY A 84 -16.34 -19.18 -13.90
N THR A 85 -16.29 -20.20 -14.76
CA THR A 85 -17.51 -20.77 -15.30
C THR A 85 -17.53 -22.29 -15.36
N ASN A 86 -16.45 -22.93 -14.92
CA ASN A 86 -16.33 -24.40 -14.91
C ASN A 86 -17.25 -25.12 -13.91
N GLN A 87 -17.92 -24.38 -13.05
CA GLN A 87 -18.82 -25.01 -12.08
C GLN A 87 -20.12 -25.47 -12.73
N VAL A 88 -20.32 -25.16 -14.01
CA VAL A 88 -21.53 -25.58 -14.72
C VAL A 88 -21.21 -26.35 -16.01
N ASP A 89 -21.99 -27.39 -16.30
CA ASP A 89 -21.77 -28.19 -17.51
C ASP A 89 -22.24 -27.39 -18.73
N LEU A 90 -21.29 -26.69 -19.34
CA LEU A 90 -21.53 -25.86 -20.51
C LEU A 90 -22.29 -26.59 -21.60
N ASP A 91 -21.77 -27.76 -21.96
CA ASP A 91 -22.35 -28.58 -23.00
C ASP A 91 -23.78 -29.01 -22.70
N ALA A 92 -24.03 -29.50 -21.49
CA ALA A 92 -25.38 -29.92 -21.12
C ALA A 92 -26.36 -28.74 -21.13
N ALA A 93 -25.82 -27.52 -21.17
CA ALA A 93 -26.64 -26.32 -21.18
C ALA A 93 -26.93 -25.87 -22.59
N ALA A 94 -25.90 -25.86 -23.43
CA ALA A 94 -26.04 -25.44 -24.82
C ALA A 94 -27.04 -26.35 -25.53
N LYS A 95 -26.94 -27.65 -25.27
CA LYS A 95 -27.81 -28.64 -25.88
C LYS A 95 -29.28 -28.38 -25.62
N ARG A 96 -29.57 -27.60 -24.58
CA ARG A 96 -30.96 -27.28 -24.24
C ARG A 96 -31.30 -25.84 -24.63
N GLY A 97 -30.42 -25.22 -25.41
CA GLY A 97 -30.66 -23.84 -25.79
C GLY A 97 -30.62 -22.92 -24.57
N ILE A 98 -29.70 -23.20 -23.66
CA ILE A 98 -29.53 -22.40 -22.45
C ILE A 98 -28.10 -21.83 -22.45
N PRO A 99 -27.97 -20.51 -22.69
CA PRO A 99 -26.65 -19.86 -22.71
C PRO A 99 -26.20 -19.49 -21.31
N VAL A 100 -24.89 -19.42 -21.11
CA VAL A 100 -24.34 -19.05 -19.83
C VAL A 100 -23.47 -17.81 -19.98
N PHE A 101 -23.69 -16.86 -19.08
CA PHE A 101 -22.97 -15.59 -19.03
C PHE A 101 -22.09 -15.52 -17.78
N ASN A 102 -21.11 -14.64 -17.79
CA ASN A 102 -20.23 -14.45 -16.63
C ASN A 102 -19.65 -13.03 -16.65
N ALA A 103 -18.69 -12.77 -15.77
CA ALA A 103 -18.04 -11.46 -15.68
C ALA A 103 -16.56 -11.71 -15.95
N PRO A 104 -16.15 -11.70 -17.23
CA PRO A 104 -14.80 -11.92 -17.74
C PRO A 104 -13.59 -11.32 -17.01
N PHE A 105 -13.54 -10.00 -16.91
CA PHE A 105 -12.41 -9.35 -16.24
C PHE A 105 -12.96 -8.31 -15.28
N SER A 106 -13.76 -8.80 -14.33
CA SER A 106 -14.44 -7.92 -13.38
C SER A 106 -13.79 -7.46 -12.07
N ASN A 107 -12.54 -7.82 -11.82
CA ASN A 107 -11.94 -7.38 -10.56
C ASN A 107 -10.45 -7.13 -10.59
N THR A 108 -9.95 -6.50 -11.64
CA THR A 108 -8.51 -6.25 -11.71
C THR A 108 -7.94 -5.20 -10.74
N ARG A 109 -8.67 -4.11 -10.48
CA ARG A 109 -8.17 -3.09 -9.55
C ARG A 109 -7.98 -3.64 -8.14
N SER A 110 -8.83 -4.58 -7.75
CA SER A 110 -8.74 -5.17 -6.43
C SER A 110 -7.44 -5.92 -6.25
N VAL A 111 -7.09 -6.81 -7.16
CA VAL A 111 -5.84 -7.56 -7.05
C VAL A 111 -4.67 -6.59 -7.13
N ALA A 112 -4.80 -5.53 -7.92
CA ALA A 112 -3.74 -4.54 -8.07
C ALA A 112 -3.48 -3.82 -6.74
N GLU A 113 -4.55 -3.31 -6.11
CA GLU A 113 -4.44 -2.64 -4.81
C GLU A 113 -3.81 -3.60 -3.78
N LEU A 114 -4.26 -4.85 -3.75
CA LEU A 114 -3.77 -5.85 -2.79
C LEU A 114 -2.26 -6.04 -2.82
N VAL A 115 -1.72 -6.26 -4.01
CA VAL A 115 -0.30 -6.46 -4.19
C VAL A 115 0.54 -5.23 -3.87
N ILE A 116 0.01 -4.04 -4.19
CA ILE A 116 0.73 -2.80 -3.88
C ILE A 116 0.90 -2.74 -2.37
N GLY A 117 -0.22 -2.85 -1.67
CA GLY A 117 -0.19 -2.82 -0.21
C GLY A 117 0.63 -3.93 0.39
N GLU A 118 0.57 -5.13 -0.18
CA GLU A 118 1.33 -6.25 0.35
C GLU A 118 2.84 -6.09 0.21
N LEU A 119 3.31 -5.72 -0.98
CA LEU A 119 4.74 -5.56 -1.17
C LEU A 119 5.29 -4.47 -0.24
N LEU A 120 4.62 -3.32 -0.17
CA LEU A 120 5.06 -2.22 0.70
C LEU A 120 5.38 -2.70 2.10
N LEU A 121 4.48 -3.49 2.68
CA LEU A 121 4.71 -4.00 4.03
C LEU A 121 5.71 -5.13 4.11
N LEU A 122 5.77 -5.97 3.08
CA LEU A 122 6.71 -7.10 3.06
C LEU A 122 8.14 -6.59 2.97
N LEU A 123 8.34 -5.54 2.21
CA LEU A 123 9.64 -4.89 2.02
C LEU A 123 10.12 -4.37 3.38
N ARG A 124 9.18 -3.90 4.18
CA ARG A 124 9.41 -3.31 5.51
C ARG A 124 9.42 -4.26 6.69
N GLY A 125 9.20 -5.55 6.47
CA GLY A 125 9.18 -6.53 7.55
C GLY A 125 7.99 -6.44 8.49
N VAL A 126 6.94 -5.72 8.07
CA VAL A 126 5.73 -5.54 8.88
C VAL A 126 4.94 -6.81 9.28
N PRO A 127 4.85 -7.83 8.40
CA PRO A 127 4.10 -9.04 8.77
C PRO A 127 4.70 -9.80 9.96
N GLU A 128 6.03 -9.91 9.97
CA GLU A 128 6.74 -10.58 11.06
C GLU A 128 6.76 -9.74 12.33
N ALA A 129 6.92 -8.43 12.18
CA ALA A 129 6.94 -7.55 13.34
C ALA A 129 5.59 -7.59 14.05
N ASN A 130 4.51 -7.49 13.30
CA ASN A 130 3.17 -7.52 13.87
C ASN A 130 2.91 -8.85 14.58
N ALA A 131 3.49 -9.93 14.04
CA ALA A 131 3.33 -11.26 14.63
C ALA A 131 3.95 -11.31 16.02
N LYS A 132 5.21 -10.90 16.10
CA LYS A 132 5.93 -10.92 17.37
C LYS A 132 5.36 -9.92 18.35
N ALA A 133 5.00 -8.74 17.88
CA ALA A 133 4.45 -7.70 18.73
C ALA A 133 3.19 -8.24 19.42
N HIS A 134 2.40 -9.00 18.69
CA HIS A 134 1.18 -9.58 19.25
C HIS A 134 1.49 -10.73 20.24
N ARG A 135 2.77 -11.07 20.36
CA ARG A 135 3.22 -12.11 21.28
C ARG A 135 4.14 -11.46 22.31
N GLY A 136 3.92 -10.17 22.58
CA GLY A 136 4.72 -9.45 23.55
C GLY A 136 6.18 -9.29 23.18
N VAL A 137 6.49 -9.28 21.89
CA VAL A 137 7.87 -9.14 21.44
C VAL A 137 8.14 -7.87 20.61
N TRP A 138 9.01 -6.99 21.14
CA TRP A 138 9.42 -5.75 20.47
C TRP A 138 10.56 -6.13 19.51
N ASN A 139 10.45 -5.75 18.23
CA ASN A 139 11.48 -6.16 17.27
C ASN A 139 11.89 -5.05 16.30
N LYS A 140 12.64 -4.05 16.79
CA LYS A 140 13.08 -2.92 15.98
C LYS A 140 14.22 -3.13 15.00
N LEU A 141 14.48 -4.37 14.61
CA LEU A 141 15.56 -4.67 13.67
C LEU A 141 15.28 -4.02 12.30
N ALA A 142 15.60 -2.73 12.19
CA ALA A 142 15.38 -1.94 10.97
C ALA A 142 16.40 -2.11 9.84
N ALA A 143 17.29 -3.10 9.95
CA ALA A 143 18.31 -3.34 8.95
C ALA A 143 17.76 -3.79 7.59
N GLY A 144 16.82 -4.72 7.60
CA GLY A 144 16.27 -5.18 6.34
C GLY A 144 15.10 -4.37 5.80
N SER A 145 14.72 -3.30 6.48
CA SER A 145 13.61 -2.48 6.02
C SER A 145 14.03 -1.65 4.84
N PHE A 146 13.22 -1.65 3.79
CA PHE A 146 13.49 -0.86 2.58
C PHE A 146 12.28 -0.04 2.16
N GLU A 147 12.51 0.92 1.28
CA GLU A 147 11.44 1.77 0.75
C GLU A 147 11.11 1.24 -0.66
N ALA A 148 9.85 1.33 -1.04
CA ALA A 148 9.47 0.82 -2.36
C ALA A 148 10.10 1.66 -3.47
N ARG A 149 10.13 2.97 -3.28
CA ARG A 149 10.70 3.90 -4.26
C ARG A 149 12.08 3.46 -4.73
N GLY A 150 12.27 3.39 -6.04
CA GLY A 150 13.55 2.99 -6.60
C GLY A 150 13.80 1.50 -6.71
N LYS A 151 12.87 0.68 -6.25
CA LYS A 151 13.06 -0.76 -6.31
C LYS A 151 12.56 -1.28 -7.64
N LYS A 152 12.89 -2.53 -7.95
CA LYS A 152 12.50 -3.19 -9.20
C LYS A 152 11.39 -4.25 -8.98
N LEU A 153 10.28 -4.07 -9.68
CA LEU A 153 9.13 -4.97 -9.62
C LEU A 153 9.12 -5.86 -10.86
N GLY A 154 9.30 -7.16 -10.68
CA GLY A 154 9.28 -8.08 -11.80
C GLY A 154 7.89 -8.69 -11.93
N ILE A 155 7.19 -8.35 -12.99
CA ILE A 155 5.85 -8.88 -13.25
C ILE A 155 5.89 -10.00 -14.29
N ILE A 156 5.59 -11.23 -13.87
CA ILE A 156 5.54 -12.38 -14.78
C ILE A 156 4.08 -12.48 -15.24
N GLY A 157 3.79 -12.02 -16.45
CA GLY A 157 2.43 -12.07 -16.95
C GLY A 157 1.88 -10.68 -17.04
N TYR A 158 2.22 -9.98 -18.12
CA TYR A 158 1.78 -8.61 -18.33
C TYR A 158 0.39 -8.55 -18.94
N GLY A 159 -0.60 -9.08 -18.21
CA GLY A 159 -1.96 -9.09 -18.71
C GLY A 159 -2.82 -7.97 -18.17
N HIS A 160 -4.10 -8.26 -17.97
CA HIS A 160 -5.05 -7.27 -17.45
C HIS A 160 -4.62 -6.73 -16.08
N ILE A 161 -4.08 -7.61 -15.25
CA ILE A 161 -3.64 -7.21 -13.91
C ILE A 161 -2.21 -6.69 -13.94
N GLY A 162 -1.32 -7.36 -14.67
CA GLY A 162 0.05 -6.90 -14.74
C GLY A 162 0.15 -5.43 -15.13
N THR A 163 -0.54 -5.05 -16.20
CA THR A 163 -0.53 -3.68 -16.69
C THR A 163 -1.09 -2.69 -15.66
N GLN A 164 -1.97 -3.17 -14.80
CA GLN A 164 -2.57 -2.32 -13.77
C GLN A 164 -1.62 -2.18 -12.58
N LEU A 165 -1.11 -3.31 -12.13
CA LEU A 165 -0.16 -3.36 -11.01
C LEU A 165 1.03 -2.48 -11.36
N GLY A 166 1.45 -2.54 -12.62
CA GLY A 166 2.58 -1.75 -13.06
C GLY A 166 2.37 -0.25 -12.93
N ILE A 167 1.21 0.21 -13.38
CA ILE A 167 0.88 1.63 -13.31
C ILE A 167 0.97 2.15 -11.88
N LEU A 168 0.32 1.46 -10.96
CA LEU A 168 0.35 1.87 -9.56
C LEU A 168 1.79 1.83 -9.04
N ALA A 169 2.50 0.74 -9.30
CA ALA A 169 3.89 0.58 -8.88
C ALA A 169 4.71 1.78 -9.30
N GLU A 170 4.45 2.26 -10.52
CA GLU A 170 5.17 3.42 -11.06
C GLU A 170 4.91 4.69 -10.25
N SER A 171 3.68 4.86 -9.79
CA SER A 171 3.32 6.02 -9.00
C SER A 171 4.09 6.08 -7.67
N LEU A 172 4.46 4.91 -7.14
CA LEU A 172 5.20 4.87 -5.89
C LEU A 172 6.69 5.09 -6.11
N GLY A 173 7.09 5.18 -7.37
CA GLY A 173 8.49 5.42 -7.69
C GLY A 173 9.31 4.16 -8.00
N MET A 174 8.64 3.03 -8.18
CA MET A 174 9.33 1.78 -8.47
C MET A 174 9.65 1.67 -9.95
N TYR A 175 10.51 0.72 -10.28
CA TYR A 175 10.90 0.45 -11.66
C TYR A 175 10.23 -0.87 -12.02
N VAL A 176 9.51 -0.90 -13.15
CA VAL A 176 8.82 -2.12 -13.56
C VAL A 176 9.43 -2.83 -14.78
N TYR A 177 9.54 -4.14 -14.66
CA TYR A 177 10.07 -5.00 -15.71
C TYR A 177 9.11 -6.17 -15.84
N PHE A 178 8.79 -6.59 -17.05
CA PHE A 178 7.88 -7.71 -17.19
C PHE A 178 8.38 -8.78 -18.15
N TYR A 179 7.94 -10.01 -17.91
CA TYR A 179 8.29 -11.13 -18.75
C TYR A 179 7.00 -11.80 -19.16
N ASP A 180 6.70 -11.74 -20.45
CA ASP A 180 5.49 -12.35 -20.95
C ASP A 180 5.84 -13.34 -22.05
N ILE A 181 4.90 -14.23 -22.37
CA ILE A 181 5.12 -15.22 -23.41
C ILE A 181 4.82 -14.59 -24.77
N GLU A 182 3.87 -13.66 -24.77
CA GLU A 182 3.45 -12.96 -25.98
C GLU A 182 4.02 -11.55 -25.92
N ASN A 183 4.94 -11.25 -26.83
CA ASN A 183 5.56 -9.93 -26.87
C ASN A 183 4.46 -8.87 -26.95
N LYS A 184 4.41 -7.98 -25.96
CA LYS A 184 3.39 -6.95 -25.96
C LYS A 184 3.87 -5.53 -25.78
N LEU A 185 2.97 -4.60 -26.07
CA LEU A 185 3.25 -3.17 -25.99
C LEU A 185 3.27 -2.69 -24.53
N PRO A 186 4.45 -2.28 -24.05
CA PRO A 186 4.60 -1.82 -22.66
C PRO A 186 3.94 -0.48 -22.39
N LEU A 187 3.08 -0.46 -21.39
CA LEU A 187 2.42 0.77 -20.99
C LEU A 187 3.34 1.37 -19.93
N GLY A 188 3.43 2.69 -19.91
CA GLY A 188 4.29 3.35 -18.94
C GLY A 188 5.74 3.06 -19.28
N ASN A 189 6.65 3.22 -18.31
CA ASN A 189 8.07 2.97 -18.54
C ASN A 189 8.47 1.50 -18.35
N ALA A 190 7.53 0.60 -18.61
CA ALA A 190 7.78 -0.84 -18.46
C ALA A 190 8.78 -1.36 -19.48
N THR A 191 9.58 -2.33 -19.05
CA THR A 191 10.58 -2.92 -19.93
C THR A 191 10.34 -4.41 -20.01
N GLN A 192 10.18 -4.94 -21.22
CA GLN A 192 9.96 -6.37 -21.41
C GLN A 192 11.32 -7.07 -21.32
N VAL A 193 11.40 -8.13 -20.54
CA VAL A 193 12.64 -8.87 -20.38
C VAL A 193 12.61 -10.07 -21.33
N GLN A 194 13.76 -10.43 -21.89
CA GLN A 194 13.85 -11.56 -22.82
C GLN A 194 13.66 -12.90 -22.12
N HIS A 195 14.34 -13.08 -21.00
CA HIS A 195 14.29 -14.33 -20.25
C HIS A 195 13.79 -14.19 -18.83
N LEU A 196 13.37 -15.30 -18.26
CA LEU A 196 12.91 -15.31 -16.87
C LEU A 196 14.13 -15.14 -15.98
N SER A 197 15.23 -15.79 -16.34
CA SER A 197 16.47 -15.72 -15.58
C SER A 197 16.92 -14.29 -15.36
N ASP A 198 16.81 -13.47 -16.39
CA ASP A 198 17.21 -12.08 -16.30
C ASP A 198 16.34 -11.38 -15.26
N LEU A 199 15.02 -11.44 -15.47
CA LEU A 199 14.07 -10.82 -14.57
C LEU A 199 14.21 -11.33 -13.13
N LEU A 200 14.23 -12.65 -12.96
CA LEU A 200 14.36 -13.26 -11.63
C LEU A 200 15.61 -12.80 -10.90
N ASN A 201 16.72 -12.81 -11.61
CA ASN A 201 18.00 -12.40 -11.04
C ASN A 201 18.10 -10.89 -10.81
N MET A 202 17.20 -10.15 -11.42
CA MET A 202 17.20 -8.69 -11.35
C MET A 202 16.15 -8.06 -10.41
N SER A 203 15.02 -8.71 -10.24
CA SER A 203 13.95 -8.13 -9.44
C SER A 203 14.04 -8.22 -7.94
N ASP A 204 13.49 -7.19 -7.30
CA ASP A 204 13.44 -7.08 -5.85
C ASP A 204 12.15 -7.74 -5.40
N VAL A 205 11.06 -7.45 -6.11
CA VAL A 205 9.76 -8.04 -5.81
C VAL A 205 9.25 -8.73 -7.07
N VAL A 206 8.84 -9.99 -6.95
CA VAL A 206 8.33 -10.74 -8.11
C VAL A 206 6.86 -11.04 -7.89
N SER A 207 6.02 -10.67 -8.84
CA SER A 207 4.59 -10.92 -8.73
C SER A 207 4.08 -11.68 -9.96
N LEU A 208 3.31 -12.74 -9.72
CA LEU A 208 2.76 -13.55 -10.81
C LEU A 208 1.31 -13.16 -11.15
N HIS A 209 1.02 -13.08 -12.45
CA HIS A 209 -0.32 -12.73 -12.95
C HIS A 209 -0.55 -13.42 -14.29
N VAL A 210 -0.27 -14.72 -14.32
CA VAL A 210 -0.44 -15.56 -15.50
C VAL A 210 -1.65 -16.48 -15.32
N PRO A 211 -2.24 -16.93 -16.45
CA PRO A 211 -3.40 -17.82 -16.47
C PRO A 211 -3.05 -19.23 -16.08
N GLU A 212 -4.06 -19.99 -15.65
CA GLU A 212 -3.88 -21.38 -15.27
C GLU A 212 -3.99 -22.25 -16.50
N ASN A 213 -3.03 -23.15 -16.64
CA ASN A 213 -2.98 -24.10 -17.75
C ASN A 213 -1.70 -24.93 -17.60
N PRO A 214 -1.66 -26.13 -18.23
CA PRO A 214 -0.47 -26.98 -18.14
C PRO A 214 0.87 -26.29 -18.41
N SER A 215 0.84 -25.09 -18.97
CA SER A 215 2.06 -24.34 -19.25
C SER A 215 2.59 -23.59 -18.01
N THR A 216 1.68 -23.14 -17.15
CA THR A 216 2.04 -22.40 -15.95
C THR A 216 2.06 -23.26 -14.69
N LYS A 217 1.64 -24.51 -14.82
CA LYS A 217 1.61 -25.43 -13.69
C LYS A 217 3.01 -25.57 -13.08
N ASN A 218 3.15 -25.19 -11.82
CA ASN A 218 4.43 -25.26 -11.10
C ASN A 218 5.56 -24.49 -11.78
N MET A 219 5.20 -23.38 -12.40
CA MET A 219 6.14 -22.50 -13.09
C MET A 219 7.33 -22.12 -12.20
N MET A 220 7.02 -21.60 -11.01
CA MET A 220 8.06 -21.23 -10.07
C MET A 220 8.53 -22.48 -9.33
N GLY A 221 9.43 -23.22 -9.97
CA GLY A 221 9.95 -24.43 -9.36
C GLY A 221 11.09 -24.08 -8.46
N ALA A 222 11.75 -25.07 -7.88
CA ALA A 222 12.87 -24.80 -6.98
C ALA A 222 14.01 -24.08 -7.69
N LYS A 223 14.13 -24.31 -9.00
CA LYS A 223 15.19 -23.66 -9.77
C LYS A 223 14.90 -22.18 -9.98
N GLU A 224 13.69 -21.86 -10.37
CA GLU A 224 13.33 -20.47 -10.58
C GLU A 224 13.52 -19.69 -9.29
N ILE A 225 13.05 -20.26 -8.18
CA ILE A 225 13.19 -19.63 -6.87
C ILE A 225 14.65 -19.25 -6.64
N SER A 226 15.56 -20.12 -7.08
CA SER A 226 16.98 -19.89 -6.94
C SER A 226 17.42 -18.69 -7.77
N LEU A 227 17.07 -18.68 -9.05
CA LEU A 227 17.45 -17.58 -9.95
C LEU A 227 17.07 -16.20 -9.42
N MET A 228 16.20 -16.18 -8.40
CA MET A 228 15.76 -14.95 -7.79
C MET A 228 16.88 -14.32 -6.98
N LYS A 229 16.94 -13.00 -7.02
CA LYS A 229 17.93 -12.25 -6.25
C LYS A 229 17.76 -12.62 -4.77
N PRO A 230 18.86 -12.89 -4.07
CA PRO A 230 18.67 -13.25 -2.66
C PRO A 230 18.13 -12.05 -1.86
N GLY A 231 17.26 -12.34 -0.90
CA GLY A 231 16.68 -11.29 -0.09
C GLY A 231 15.41 -10.71 -0.68
N SER A 232 15.04 -11.18 -1.87
CA SER A 232 13.86 -10.70 -2.57
C SER A 232 12.54 -11.18 -1.94
N LEU A 233 11.43 -10.83 -2.59
CA LEU A 233 10.10 -11.17 -2.13
C LEU A 233 9.30 -11.81 -3.25
N LEU A 234 8.40 -12.72 -2.90
CA LEU A 234 7.54 -13.37 -3.89
C LEU A 234 6.07 -13.15 -3.54
N ILE A 235 5.28 -12.75 -4.52
CA ILE A 235 3.85 -12.54 -4.31
C ILE A 235 3.03 -13.21 -5.41
N ASN A 236 2.13 -14.12 -4.98
CA ASN A 236 1.28 -14.86 -5.90
C ASN A 236 -0.22 -14.77 -5.61
N ALA A 237 -0.92 -13.99 -6.42
CA ALA A 237 -2.35 -13.80 -6.31
C ALA A 237 -2.99 -14.15 -7.65
N SER A 238 -2.53 -15.23 -8.28
CA SER A 238 -3.10 -15.68 -9.55
C SER A 238 -3.86 -16.99 -9.33
N ARG A 239 -3.22 -18.14 -9.58
CA ARG A 239 -3.83 -19.46 -9.37
C ARG A 239 -2.94 -20.40 -8.54
N GLY A 240 -3.58 -21.18 -7.67
CA GLY A 240 -2.85 -22.08 -6.79
C GLY A 240 -1.87 -23.14 -7.29
N THR A 241 -1.85 -23.37 -8.60
CA THR A 241 -0.97 -24.38 -9.18
C THR A 241 0.39 -23.88 -9.67
N VAL A 242 0.53 -22.56 -9.80
CA VAL A 242 1.73 -21.94 -10.33
C VAL A 242 3.02 -22.03 -9.51
N VAL A 243 2.92 -22.10 -8.18
CA VAL A 243 4.13 -22.14 -7.37
C VAL A 243 4.32 -23.44 -6.61
N ASP A 244 5.54 -23.96 -6.62
CA ASP A 244 5.88 -25.19 -5.91
C ASP A 244 6.11 -24.77 -4.46
N ILE A 245 5.11 -24.98 -3.61
CA ILE A 245 5.18 -24.59 -2.20
C ILE A 245 6.27 -25.24 -1.34
N PRO A 246 6.53 -26.55 -1.52
CA PRO A 246 7.60 -27.11 -0.68
C PRO A 246 8.93 -26.41 -1.01
N ALA A 247 9.10 -26.02 -2.27
CA ALA A 247 10.32 -25.33 -2.70
C ALA A 247 10.32 -23.97 -2.02
N LEU A 248 9.15 -23.32 -2.06
CA LEU A 248 8.97 -22.02 -1.45
C LEU A 248 9.39 -22.05 0.03
N CYS A 249 8.91 -23.04 0.76
CA CYS A 249 9.23 -23.17 2.18
C CYS A 249 10.72 -23.30 2.45
N ASP A 250 11.42 -24.06 1.61
CA ASP A 250 12.86 -24.25 1.77
C ASP A 250 13.58 -22.92 1.60
N ALA A 251 13.16 -22.15 0.60
CA ALA A 251 13.75 -20.85 0.31
C ALA A 251 13.61 -19.91 1.50
N LEU A 252 12.44 -19.91 2.11
CA LEU A 252 12.19 -19.05 3.25
C LEU A 252 13.06 -19.42 4.44
N ALA A 253 13.11 -20.70 4.76
CA ALA A 253 13.93 -21.16 5.89
C ALA A 253 15.42 -20.96 5.64
N SER A 254 15.80 -20.96 4.37
CA SER A 254 17.19 -20.77 4.02
C SER A 254 17.54 -19.30 3.89
N LYS A 255 16.55 -18.43 4.10
CA LYS A 255 16.75 -16.98 4.01
C LYS A 255 17.01 -16.46 2.61
N HIS A 256 17.01 -17.33 1.61
CA HIS A 256 17.23 -16.87 0.24
C HIS A 256 16.15 -15.84 -0.11
N LEU A 257 14.97 -15.99 0.50
CA LEU A 257 13.88 -15.05 0.29
C LEU A 257 13.54 -14.42 1.63
N ALA A 258 13.25 -13.13 1.61
CA ALA A 258 12.95 -12.35 2.80
C ALA A 258 11.51 -12.54 3.29
N GLY A 259 10.60 -12.78 2.36
CA GLY A 259 9.21 -12.95 2.71
C GLY A 259 8.43 -13.25 1.45
N ALA A 260 7.13 -13.46 1.62
CA ALA A 260 6.24 -13.77 0.51
C ALA A 260 4.80 -13.49 0.92
N ALA A 261 3.91 -13.44 -0.07
CA ALA A 261 2.50 -13.20 0.18
C ALA A 261 1.74 -14.10 -0.79
N ILE A 262 1.00 -15.06 -0.23
CA ILE A 262 0.21 -16.04 -0.98
C ILE A 262 -1.29 -15.90 -0.70
N ASP A 263 -2.08 -15.83 -1.78
CA ASP A 263 -3.52 -15.67 -1.70
C ASP A 263 -4.26 -16.89 -2.29
N VAL A 264 -3.63 -17.54 -3.26
CA VAL A 264 -4.21 -18.71 -3.89
C VAL A 264 -3.32 -19.91 -3.62
N PHE A 265 -3.93 -20.99 -3.14
CA PHE A 265 -3.21 -22.23 -2.81
C PHE A 265 -3.54 -23.40 -3.74
N PRO A 266 -2.74 -24.47 -3.71
CA PRO A 266 -3.02 -25.62 -4.58
C PRO A 266 -4.37 -26.19 -4.20
N THR A 267 -4.49 -26.54 -2.93
CA THR A 267 -5.73 -27.08 -2.38
C THR A 267 -6.31 -26.02 -1.47
N GLU A 268 -7.57 -25.68 -1.69
CA GLU A 268 -8.23 -24.66 -0.89
C GLU A 268 -9.45 -25.22 -0.17
N PRO A 269 -9.77 -24.67 1.01
CA PRO A 269 -10.92 -25.10 1.81
C PRO A 269 -12.23 -24.97 1.05
N ALA A 270 -13.08 -25.99 1.18
CA ALA A 270 -14.38 -26.03 0.51
C ALA A 270 -15.28 -24.89 0.97
N THR A 271 -15.16 -24.56 2.26
CA THR A 271 -15.94 -23.49 2.87
C THR A 271 -15.15 -22.96 4.06
N ASN A 272 -15.65 -21.91 4.70
CA ASN A 272 -14.98 -21.30 5.86
C ASN A 272 -14.93 -22.18 7.12
N SER A 273 -15.78 -23.19 7.17
CA SER A 273 -15.83 -24.10 8.31
C SER A 273 -14.77 -25.21 8.17
N ASP A 274 -14.07 -25.21 7.05
CA ASP A 274 -13.03 -26.19 6.80
C ASP A 274 -11.68 -25.75 7.35
N PRO A 275 -10.85 -26.73 7.78
CA PRO A 275 -9.53 -26.50 8.33
C PRO A 275 -8.56 -26.13 7.21
N PHE A 276 -7.74 -25.13 7.46
CA PHE A 276 -6.76 -24.71 6.47
C PHE A 276 -5.42 -25.22 6.98
N THR A 277 -4.67 -25.89 6.11
CA THR A 277 -3.38 -26.41 6.50
C THR A 277 -2.38 -26.10 5.40
N SER A 278 -1.16 -25.79 5.80
CA SER A 278 -0.10 -25.46 4.85
C SER A 278 1.16 -25.29 5.67
N PRO A 279 2.34 -25.54 5.07
CA PRO A 279 3.60 -25.38 5.80
C PRO A 279 3.93 -23.90 6.02
N LEU A 280 3.49 -23.06 5.10
CA LEU A 280 3.71 -21.62 5.17
C LEU A 280 3.20 -21.01 6.48
N CYS A 281 2.25 -21.68 7.14
CA CYS A 281 1.69 -21.17 8.38
C CYS A 281 2.76 -20.92 9.45
N GLU A 282 3.87 -21.64 9.38
CA GLU A 282 4.96 -21.50 10.36
C GLU A 282 5.76 -20.20 10.23
N PHE A 283 5.81 -19.65 9.02
CA PHE A 283 6.55 -18.43 8.76
C PHE A 283 5.71 -17.19 9.05
N ASP A 284 6.25 -16.30 9.89
CA ASP A 284 5.59 -15.06 10.25
C ASP A 284 5.76 -14.04 9.14
N ASN A 285 6.87 -14.16 8.41
CA ASN A 285 7.17 -13.24 7.31
C ASN A 285 6.42 -13.58 6.01
N VAL A 286 5.34 -14.35 6.12
CA VAL A 286 4.56 -14.74 4.96
C VAL A 286 3.10 -14.36 5.16
N LEU A 287 2.56 -13.54 4.25
CA LEU A 287 1.16 -13.09 4.31
C LEU A 287 0.25 -14.11 3.61
N LEU A 288 -0.60 -14.78 4.39
CA LEU A 288 -1.53 -15.80 3.91
C LEU A 288 -2.95 -15.25 3.91
N THR A 289 -3.63 -15.29 2.77
CA THR A 289 -5.00 -14.77 2.65
C THR A 289 -5.92 -15.75 1.96
N PRO A 290 -7.18 -15.89 2.44
CA PRO A 290 -8.21 -16.81 1.90
C PRO A 290 -8.82 -16.48 0.52
N HIS A 291 -7.99 -16.55 -0.52
CA HIS A 291 -8.41 -16.27 -1.88
C HIS A 291 -9.29 -15.02 -1.97
N ILE A 292 -8.78 -13.92 -1.44
CA ILE A 292 -9.47 -12.64 -1.46
C ILE A 292 -8.69 -11.85 -2.51
N GLY A 293 -8.89 -10.56 -2.62
CA GLY A 293 -8.13 -9.85 -3.64
C GLY A 293 -9.00 -9.63 -4.85
N GLY A 294 -10.16 -10.26 -4.81
CA GLY A 294 -11.15 -10.12 -5.84
C GLY A 294 -12.39 -9.78 -5.02
N SER A 295 -12.42 -10.30 -3.79
CA SER A 295 -13.49 -10.10 -2.83
C SER A 295 -13.40 -8.69 -2.30
N THR A 296 -14.10 -7.79 -2.97
CA THR A 296 -14.14 -6.39 -2.63
C THR A 296 -15.54 -5.95 -2.96
N GLN A 297 -16.13 -5.11 -2.12
CA GLN A 297 -17.48 -4.65 -2.37
C GLN A 297 -17.62 -4.03 -3.76
N GLU A 298 -16.71 -3.14 -4.11
CA GLU A 298 -16.75 -2.49 -5.42
C GLU A 298 -16.73 -3.48 -6.57
N ALA A 299 -15.91 -4.52 -6.46
CA ALA A 299 -15.81 -5.52 -7.52
C ALA A 299 -17.08 -6.34 -7.57
N GLN A 300 -17.62 -6.64 -6.40
CA GLN A 300 -18.84 -7.42 -6.31
C GLN A 300 -20.01 -6.63 -6.89
N GLU A 301 -20.07 -5.35 -6.54
CA GLU A 301 -21.10 -4.45 -7.02
C GLU A 301 -21.10 -4.45 -8.54
N ASN A 302 -19.91 -4.26 -9.12
CA ASN A 302 -19.77 -4.22 -10.56
C ASN A 302 -20.13 -5.56 -11.23
N ILE A 303 -19.72 -6.67 -10.61
CA ILE A 303 -20.04 -7.98 -11.17
C ILE A 303 -21.56 -8.14 -11.11
N GLY A 304 -22.15 -7.75 -10.00
CA GLY A 304 -23.58 -7.84 -9.83
C GLY A 304 -24.30 -7.07 -10.92
N LEU A 305 -23.83 -5.86 -11.17
CA LEU A 305 -24.42 -5.00 -12.20
C LEU A 305 -24.20 -5.52 -13.62
N GLU A 306 -23.03 -6.11 -13.86
CA GLU A 306 -22.72 -6.62 -15.19
C GLU A 306 -23.55 -7.84 -15.59
N VAL A 307 -23.41 -8.95 -14.85
CA VAL A 307 -24.13 -10.19 -15.15
C VAL A 307 -25.66 -10.07 -15.15
N ALA A 308 -26.24 -9.35 -14.21
CA ALA A 308 -27.69 -9.18 -14.18
C ALA A 308 -28.11 -8.52 -15.50
N GLY A 309 -27.41 -7.46 -15.88
CA GLY A 309 -27.71 -6.77 -17.13
C GLY A 309 -27.66 -7.68 -18.35
N LYS A 310 -26.78 -8.68 -18.32
CA LYS A 310 -26.66 -9.63 -19.42
C LYS A 310 -27.90 -10.52 -19.44
N LEU A 311 -28.47 -10.79 -18.28
CA LEU A 311 -29.66 -11.62 -18.18
C LEU A 311 -30.87 -10.87 -18.72
N ILE A 312 -31.04 -9.61 -18.32
CA ILE A 312 -32.16 -8.82 -18.82
C ILE A 312 -32.08 -8.76 -20.36
N LYS A 313 -30.99 -8.21 -20.89
CA LYS A 313 -30.81 -8.10 -22.34
C LYS A 313 -31.17 -9.36 -23.13
N TYR A 314 -30.96 -10.53 -22.56
CA TYR A 314 -31.30 -11.77 -23.24
C TYR A 314 -32.79 -12.01 -23.12
N SER A 315 -33.31 -11.74 -21.93
CA SER A 315 -34.73 -11.93 -21.64
C SER A 315 -35.59 -10.98 -22.47
N ASP A 316 -35.20 -9.72 -22.48
CA ASP A 316 -35.95 -8.70 -23.21
C ASP A 316 -35.70 -8.63 -24.70
N ASN A 317 -34.55 -9.11 -25.15
CA ASN A 317 -34.26 -9.07 -26.58
C ASN A 317 -33.21 -10.04 -27.09
N GLY A 318 -33.31 -11.30 -26.65
CA GLY A 318 -32.41 -12.36 -27.07
C GLY A 318 -30.95 -12.10 -27.44
N SER A 319 -30.33 -11.08 -26.85
CA SER A 319 -28.93 -10.82 -27.15
C SER A 319 -28.09 -11.87 -26.40
N THR A 320 -27.14 -12.51 -27.07
CA THR A 320 -26.29 -13.51 -26.44
C THR A 320 -24.83 -13.15 -26.72
N LEU A 321 -24.52 -11.87 -26.64
CA LEU A 321 -23.19 -11.37 -26.95
C LEU A 321 -21.95 -11.92 -26.29
N SER A 322 -21.89 -11.91 -24.96
CA SER A 322 -20.69 -12.41 -24.31
C SER A 322 -20.80 -13.85 -23.83
N ALA A 323 -21.82 -14.57 -24.28
CA ALA A 323 -22.04 -15.95 -23.87
C ALA A 323 -20.82 -16.81 -24.20
N VAL A 324 -20.51 -17.74 -23.29
CA VAL A 324 -19.36 -18.62 -23.46
C VAL A 324 -19.67 -19.97 -24.10
N ASN A 325 -20.95 -20.25 -24.31
CA ASN A 325 -21.37 -21.51 -24.90
C ASN A 325 -22.31 -21.35 -26.10
N PHE A 326 -22.85 -20.15 -26.27
CA PHE A 326 -23.79 -19.86 -27.33
C PHE A 326 -23.25 -19.03 -28.49
N PRO A 327 -23.95 -19.06 -29.65
CA PRO A 327 -23.51 -18.27 -30.79
C PRO A 327 -23.82 -16.82 -30.40
N GLU A 328 -22.95 -15.90 -30.77
CA GLU A 328 -23.17 -14.52 -30.39
C GLU A 328 -23.96 -13.68 -31.38
N VAL A 329 -25.23 -13.43 -31.04
CA VAL A 329 -26.06 -12.59 -31.90
C VAL A 329 -26.77 -11.50 -31.11
N SER A 330 -26.93 -10.35 -31.74
CA SER A 330 -27.60 -9.22 -31.15
C SER A 330 -28.15 -8.39 -32.30
N LEU A 331 -29.40 -7.96 -32.17
CA LEU A 331 -30.07 -7.20 -33.22
C LEU A 331 -30.66 -5.90 -32.67
N PRO A 332 -30.39 -4.76 -33.34
CA PRO A 332 -30.90 -3.44 -32.91
C PRO A 332 -32.39 -3.48 -32.63
N LEU A 333 -32.74 -3.07 -31.43
CA LEU A 333 -34.12 -3.09 -30.99
C LEU A 333 -34.89 -1.95 -31.59
N HIS A 334 -35.59 -2.23 -32.68
CA HIS A 334 -36.45 -1.22 -33.31
C HIS A 334 -37.52 -1.83 -34.19
N GLY A 335 -38.77 -1.69 -33.75
CA GLY A 335 -39.90 -2.24 -34.48
C GLY A 335 -40.60 -3.27 -33.61
N GLY A 336 -41.86 -3.58 -33.96
CA GLY A 336 -42.62 -4.54 -33.18
C GLY A 336 -42.38 -6.00 -33.54
N ARG A 337 -42.75 -6.89 -32.63
CA ARG A 337 -42.63 -8.33 -32.78
C ARG A 337 -41.25 -8.95 -32.96
N ARG A 338 -40.74 -9.54 -31.87
CA ARG A 338 -39.44 -10.20 -31.88
C ARG A 338 -39.56 -11.62 -31.35
N LEU A 339 -39.02 -12.55 -32.13
CA LEU A 339 -39.04 -13.97 -31.81
C LEU A 339 -37.61 -14.45 -31.96
N MET A 340 -37.34 -15.63 -31.45
CA MET A 340 -36.02 -16.22 -31.51
C MET A 340 -36.19 -17.74 -31.65
N HIS A 341 -35.18 -18.43 -32.15
CA HIS A 341 -35.31 -19.86 -32.36
C HIS A 341 -33.96 -20.60 -32.27
N ILE A 342 -33.80 -21.46 -31.26
CA ILE A 342 -32.58 -22.24 -31.11
C ILE A 342 -32.88 -23.54 -31.85
N HIS A 343 -31.89 -24.07 -32.57
CA HIS A 343 -32.08 -25.30 -33.33
C HIS A 343 -30.78 -25.95 -33.80
N GLU A 344 -30.89 -27.18 -34.29
CA GLU A 344 -29.75 -27.94 -34.80
C GLU A 344 -29.25 -27.26 -36.07
N ASN A 345 -27.94 -27.27 -36.26
CA ASN A 345 -27.34 -26.65 -37.44
C ASN A 345 -27.36 -27.58 -38.66
N ARG A 346 -28.56 -27.83 -39.20
CA ARG A 346 -28.70 -28.66 -40.38
C ARG A 346 -29.33 -27.81 -41.49
N PRO A 347 -29.02 -28.13 -42.76
CA PRO A 347 -29.57 -27.38 -43.90
C PRO A 347 -31.10 -27.46 -43.96
N GLY A 348 -31.72 -26.36 -44.37
CA GLY A 348 -33.17 -26.32 -44.50
C GLY A 348 -34.00 -25.75 -43.36
N VAL A 349 -33.48 -25.74 -42.15
CA VAL A 349 -34.29 -25.22 -41.04
C VAL A 349 -34.71 -23.75 -41.14
N LEU A 350 -33.81 -22.91 -41.64
CA LEU A 350 -34.11 -21.48 -41.77
C LEU A 350 -35.15 -21.18 -42.85
N THR A 351 -35.04 -21.86 -44.00
CA THR A 351 -35.98 -21.67 -45.11
C THR A 351 -37.40 -22.01 -44.68
N ALA A 352 -37.52 -23.08 -43.90
CA ALA A 352 -38.80 -23.52 -43.38
C ALA A 352 -39.28 -22.55 -42.31
N LEU A 353 -38.35 -21.86 -41.65
CA LEU A 353 -38.74 -20.92 -40.62
C LEU A 353 -39.30 -19.65 -41.29
N ASN A 354 -38.59 -19.16 -42.28
CA ASN A 354 -39.01 -17.97 -43.01
C ASN A 354 -40.32 -18.20 -43.76
N LYS A 355 -40.46 -19.37 -44.37
CA LYS A 355 -41.66 -19.73 -45.12
C LYS A 355 -42.92 -19.45 -44.31
N ILE A 356 -42.86 -19.76 -43.02
CA ILE A 356 -44.00 -19.54 -42.13
C ILE A 356 -44.61 -18.14 -42.29
N PHE A 357 -43.76 -17.15 -42.45
CA PHE A 357 -44.22 -15.79 -42.59
C PHE A 357 -44.56 -15.42 -44.03
N ALA A 358 -43.77 -15.93 -44.98
CA ALA A 358 -43.97 -15.64 -46.40
C ALA A 358 -45.36 -16.01 -46.88
N GLU A 359 -45.73 -17.28 -46.68
CA GLU A 359 -47.04 -17.77 -47.09
C GLU A 359 -48.17 -17.05 -46.38
N GLN A 360 -47.83 -16.36 -45.30
CA GLN A 360 -48.82 -15.63 -44.52
C GLN A 360 -48.77 -14.16 -44.97
N GLY A 361 -47.86 -13.86 -45.89
CA GLY A 361 -47.72 -12.50 -46.39
C GLY A 361 -47.29 -11.56 -45.29
N VAL A 362 -46.47 -12.08 -44.37
CA VAL A 362 -45.94 -11.32 -43.24
C VAL A 362 -44.55 -10.80 -43.64
N ASN A 363 -44.35 -9.50 -43.52
CA ASN A 363 -43.08 -8.90 -43.89
C ASN A 363 -42.05 -8.95 -42.77
N ILE A 364 -40.89 -9.54 -43.07
CA ILE A 364 -39.81 -9.64 -42.10
C ILE A 364 -38.93 -8.40 -42.22
N ALA A 365 -38.81 -7.64 -41.14
CA ALA A 365 -38.02 -6.42 -41.11
C ALA A 365 -36.51 -6.62 -40.89
N ALA A 366 -36.14 -7.55 -40.02
CA ALA A 366 -34.73 -7.81 -39.73
C ALA A 366 -34.54 -9.25 -39.32
N GLN A 367 -33.34 -9.77 -39.50
CA GLN A 367 -33.03 -11.15 -39.12
C GLN A 367 -31.53 -11.41 -39.00
N TYR A 368 -31.12 -12.02 -37.90
CA TYR A 368 -29.72 -12.35 -37.64
C TYR A 368 -29.63 -13.81 -37.21
N LEU A 369 -28.83 -14.57 -37.95
CA LEU A 369 -28.61 -15.98 -37.70
C LEU A 369 -27.13 -16.21 -37.56
N GLN A 370 -26.72 -16.71 -36.41
CA GLN A 370 -25.32 -17.02 -36.19
C GLN A 370 -25.35 -18.47 -35.83
N THR A 371 -24.33 -19.19 -36.27
CA THR A 371 -24.29 -20.61 -36.04
C THR A 371 -23.06 -21.12 -35.26
N SER A 372 -23.34 -22.02 -34.32
CA SER A 372 -22.32 -22.67 -33.48
C SER A 372 -21.87 -23.91 -34.26
N ALA A 373 -20.94 -24.68 -33.70
CA ALA A 373 -20.45 -25.87 -34.38
C ALA A 373 -21.57 -26.77 -34.87
N GLN A 374 -22.53 -27.07 -34.00
CA GLN A 374 -23.65 -27.93 -34.35
C GLN A 374 -24.99 -27.30 -33.98
N MET A 375 -24.97 -26.06 -33.51
CA MET A 375 -26.19 -25.37 -33.13
C MET A 375 -26.37 -24.12 -33.97
N GLY A 376 -27.60 -23.60 -34.01
CA GLY A 376 -27.87 -22.39 -34.75
C GLY A 376 -28.83 -21.53 -33.95
N TYR A 377 -28.56 -20.24 -33.89
CA TYR A 377 -29.42 -19.31 -33.16
C TYR A 377 -29.82 -18.22 -34.14
N VAL A 378 -31.11 -17.92 -34.18
CA VAL A 378 -31.62 -16.89 -35.09
C VAL A 378 -32.66 -16.08 -34.34
N VAL A 379 -32.71 -14.79 -34.61
CA VAL A 379 -33.69 -13.93 -33.96
C VAL A 379 -34.32 -13.11 -35.05
N ILE A 380 -35.65 -13.04 -35.07
CA ILE A 380 -36.37 -12.32 -36.11
C ILE A 380 -37.34 -11.21 -35.70
N ASP A 381 -37.34 -10.14 -36.49
CA ASP A 381 -38.23 -9.00 -36.29
C ASP A 381 -39.25 -9.12 -37.42
N ILE A 382 -40.54 -9.14 -37.11
CA ILE A 382 -41.58 -9.22 -38.12
C ILE A 382 -42.61 -8.13 -37.90
N GLU A 383 -43.21 -7.67 -38.99
CA GLU A 383 -44.21 -6.62 -38.91
C GLU A 383 -45.58 -7.29 -38.92
N ALA A 384 -46.04 -7.63 -37.71
CA ALA A 384 -47.33 -8.29 -37.51
C ALA A 384 -47.82 -7.90 -36.14
N ASP A 385 -48.79 -8.65 -35.60
CA ASP A 385 -49.30 -8.37 -34.26
C ASP A 385 -49.30 -9.62 -33.40
N GLU A 386 -49.68 -9.45 -32.13
CA GLU A 386 -49.70 -10.53 -31.17
C GLU A 386 -50.32 -11.86 -31.61
N ASP A 387 -51.44 -11.80 -32.32
CA ASP A 387 -52.11 -13.01 -32.78
C ASP A 387 -51.21 -13.79 -33.73
N VAL A 388 -50.90 -13.18 -34.86
CA VAL A 388 -50.04 -13.83 -35.86
C VAL A 388 -48.75 -14.29 -35.19
N ALA A 389 -48.21 -13.42 -34.33
CA ALA A 389 -46.99 -13.72 -33.60
C ALA A 389 -47.14 -15.03 -32.83
N GLU A 390 -48.10 -15.06 -31.89
CA GLU A 390 -48.39 -16.25 -31.09
C GLU A 390 -48.60 -17.47 -31.94
N LYS A 391 -49.46 -17.33 -32.95
CA LYS A 391 -49.76 -18.40 -33.87
C LYS A 391 -48.50 -18.84 -34.61
N ALA A 392 -47.64 -17.88 -34.95
CA ALA A 392 -46.40 -18.18 -35.67
C ALA A 392 -45.39 -18.87 -34.76
N LEU A 393 -45.49 -18.58 -33.46
CA LEU A 393 -44.59 -19.18 -32.48
C LEU A 393 -44.83 -20.68 -32.51
N GLN A 394 -46.09 -21.06 -32.35
CA GLN A 394 -46.53 -22.46 -32.35
C GLN A 394 -45.92 -23.25 -33.49
N ALA A 395 -46.01 -22.72 -34.70
CA ALA A 395 -45.47 -23.39 -35.88
C ALA A 395 -43.98 -23.64 -35.78
N MET A 396 -43.22 -22.60 -35.41
CA MET A 396 -41.78 -22.69 -35.28
C MET A 396 -41.33 -23.81 -34.34
N LYS A 397 -42.09 -24.01 -33.27
CA LYS A 397 -41.76 -25.03 -32.30
C LYS A 397 -41.91 -26.42 -32.90
N ALA A 398 -42.68 -26.51 -33.97
CA ALA A 398 -42.91 -27.79 -34.62
C ALA A 398 -42.02 -28.03 -35.84
N ILE A 399 -40.83 -27.46 -35.85
CA ILE A 399 -39.94 -27.64 -36.99
C ILE A 399 -38.85 -28.67 -36.68
N PRO A 400 -38.48 -29.49 -37.69
CA PRO A 400 -37.45 -30.52 -37.55
C PRO A 400 -36.13 -30.00 -37.02
N GLY A 401 -35.79 -30.38 -35.79
CA GLY A 401 -34.54 -29.93 -35.19
C GLY A 401 -34.66 -28.70 -34.31
N THR A 402 -35.90 -28.33 -34.01
CA THR A 402 -36.18 -27.18 -33.17
C THR A 402 -35.83 -27.51 -31.72
N ILE A 403 -34.96 -26.70 -31.11
CA ILE A 403 -34.58 -26.88 -29.72
C ILE A 403 -35.43 -25.94 -28.87
N ARG A 404 -35.64 -24.71 -29.33
CA ARG A 404 -36.44 -23.74 -28.60
C ARG A 404 -36.96 -22.65 -29.55
N ALA A 405 -37.96 -21.90 -29.08
CA ALA A 405 -38.54 -20.80 -29.84
C ALA A 405 -39.10 -19.93 -28.75
N ARG A 406 -39.07 -18.61 -28.95
CA ARG A 406 -39.56 -17.69 -27.92
C ARG A 406 -40.02 -16.34 -28.49
N LEU A 407 -41.14 -15.83 -27.98
CA LEU A 407 -41.70 -14.55 -28.40
C LEU A 407 -41.22 -13.47 -27.43
N LEU A 408 -40.13 -12.81 -27.77
CA LEU A 408 -39.53 -11.78 -26.91
C LEU A 408 -40.40 -10.57 -26.68
N TYR A 409 -41.20 -10.22 -27.69
CA TYR A 409 -42.11 -9.09 -27.59
C TYR A 409 -42.89 -8.95 -28.87
N GLU B 6 39.03 18.36 6.09
CA GLU B 6 40.51 18.49 5.94
C GLU B 6 41.17 18.08 7.25
N LYS B 7 42.48 18.22 7.33
CA LYS B 7 43.26 17.88 8.51
C LYS B 7 43.11 16.46 9.04
N ASP B 8 44.13 15.65 8.82
CA ASP B 8 44.13 14.28 9.28
C ASP B 8 44.31 14.25 10.80
N LYS B 9 44.53 15.43 11.39
CA LYS B 9 44.74 15.54 12.82
C LYS B 9 43.45 15.64 13.63
N ILE B 10 42.36 16.00 12.97
CA ILE B 10 41.07 16.15 13.64
C ILE B 10 40.30 14.81 13.71
N LYS B 11 40.06 14.36 14.94
CA LYS B 11 39.38 13.08 15.21
C LYS B 11 37.86 13.09 15.31
N PHE B 12 37.24 12.15 14.59
CA PHE B 12 35.80 11.96 14.56
C PHE B 12 35.50 10.59 15.16
N LEU B 13 34.53 10.55 16.06
CA LEU B 13 34.13 9.30 16.71
C LEU B 13 32.68 9.02 16.37
N LEU B 14 32.47 8.11 15.41
CA LEU B 14 31.13 7.73 14.99
C LEU B 14 30.77 6.49 15.81
N VAL B 15 29.59 6.50 16.43
CA VAL B 15 29.15 5.40 17.30
C VAL B 15 27.69 5.00 17.04
N GLU B 16 27.36 3.75 17.39
CA GLU B 16 26.02 3.20 17.23
C GLU B 16 25.61 2.81 15.80
N GLY B 17 26.57 2.29 15.02
CA GLY B 17 26.24 1.86 13.67
C GLY B 17 25.75 2.93 12.71
N VAL B 18 26.45 4.05 12.69
CA VAL B 18 26.13 5.16 11.81
C VAL B 18 26.27 4.67 10.35
N HIS B 19 25.40 5.16 9.47
CA HIS B 19 25.42 4.73 8.07
C HIS B 19 26.72 5.02 7.32
N GLN B 20 27.17 4.05 6.54
CA GLN B 20 28.39 4.15 5.74
C GLN B 20 28.46 5.42 4.91
N LYS B 21 27.32 5.88 4.42
CA LYS B 21 27.27 7.10 3.61
C LYS B 21 27.85 8.33 4.32
N ALA B 22 27.80 8.31 5.65
CA ALA B 22 28.32 9.40 6.46
C ALA B 22 29.85 9.34 6.41
N LEU B 23 30.37 8.12 6.55
CA LEU B 23 31.81 7.90 6.50
C LEU B 23 32.38 8.35 5.16
N GLU B 24 31.61 8.18 4.09
CA GLU B 24 32.06 8.60 2.76
C GLU B 24 32.08 10.11 2.67
N SER B 25 31.01 10.74 3.16
CA SER B 25 30.91 12.19 3.14
C SER B 25 32.14 12.78 3.82
N LEU B 26 32.33 12.39 5.09
CA LEU B 26 33.46 12.87 5.87
C LEU B 26 34.76 12.76 5.08
N ARG B 27 35.05 11.56 4.62
CA ARG B 27 36.26 11.29 3.86
C ARG B 27 36.40 12.17 2.62
N ALA B 28 35.29 12.47 1.95
CA ALA B 28 35.34 13.32 0.76
C ALA B 28 35.79 14.73 1.17
N ALA B 29 35.50 15.10 2.41
CA ALA B 29 35.87 16.40 2.94
C ALA B 29 37.32 16.45 3.40
N GLY B 30 37.96 15.28 3.48
CA GLY B 30 39.34 15.21 3.89
C GLY B 30 39.48 14.72 5.32
N TYR B 31 38.39 14.79 6.08
CA TYR B 31 38.39 14.34 7.46
C TYR B 31 38.52 12.83 7.42
N THR B 32 39.74 12.33 7.60
CA THR B 32 39.99 10.90 7.54
C THR B 32 40.31 10.22 8.88
N ASN B 33 40.25 10.96 9.98
CA ASN B 33 40.53 10.36 11.27
C ASN B 33 39.20 9.99 11.94
N ILE B 34 38.68 8.83 11.55
CA ILE B 34 37.39 8.35 12.06
C ILE B 34 37.50 7.06 12.87
N GLU B 35 36.87 7.04 14.04
CA GLU B 35 36.85 5.84 14.87
C GLU B 35 35.41 5.32 14.83
N PHE B 36 35.21 4.20 14.15
CA PHE B 36 33.88 3.61 14.00
C PHE B 36 33.55 2.54 15.04
N HIS B 37 32.25 2.39 15.31
CA HIS B 37 31.72 1.43 16.27
C HIS B 37 30.28 1.13 15.89
N LYS B 38 30.01 -0.13 15.61
CA LYS B 38 28.68 -0.59 15.21
C LYS B 38 27.67 -0.53 16.34
N GLY B 39 28.15 -0.33 17.56
CA GLY B 39 27.23 -0.28 18.69
C GLY B 39 27.59 0.77 19.72
N ALA B 40 26.75 0.88 20.75
CA ALA B 40 26.95 1.85 21.83
C ALA B 40 28.15 1.39 22.64
N LEU B 41 28.97 2.35 23.06
CA LEU B 41 30.16 2.04 23.85
C LEU B 41 29.92 1.98 25.34
N ASP B 42 30.70 1.13 25.99
CA ASP B 42 30.64 0.96 27.44
C ASP B 42 31.19 2.24 28.06
N ASP B 43 30.40 2.83 28.95
CA ASP B 43 30.76 4.08 29.63
C ASP B 43 32.25 4.31 29.83
N GLU B 44 32.96 3.29 30.28
CA GLU B 44 34.39 3.42 30.50
C GLU B 44 35.16 3.69 29.20
N GLN B 45 34.89 2.94 28.14
CA GLN B 45 35.59 3.19 26.89
C GLN B 45 34.99 4.36 26.12
N LEU B 46 33.74 4.71 26.43
CA LEU B 46 33.11 5.85 25.77
C LEU B 46 33.96 7.07 26.12
N LYS B 47 34.33 7.16 27.39
CA LYS B 47 35.16 8.27 27.89
C LYS B 47 36.56 8.17 27.33
N GLU B 48 37.06 6.95 27.16
CA GLU B 48 38.39 6.73 26.63
C GLU B 48 38.46 7.17 25.18
N SER B 49 37.34 7.00 24.47
CA SER B 49 37.25 7.36 23.06
C SER B 49 37.01 8.85 22.85
N ILE B 50 36.11 9.42 23.66
CA ILE B 50 35.71 10.82 23.58
C ILE B 50 36.72 11.89 24.05
N ARG B 51 37.51 11.59 25.07
CA ARG B 51 38.48 12.54 25.62
C ARG B 51 39.31 13.30 24.60
N ASP B 52 39.88 12.57 23.66
CA ASP B 52 40.72 13.15 22.62
C ASP B 52 39.96 13.43 21.31
N ALA B 53 38.68 13.11 21.30
CA ALA B 53 37.86 13.31 20.12
C ALA B 53 37.46 14.75 19.90
N HIS B 54 37.36 15.12 18.63
CA HIS B 54 36.97 16.45 18.22
C HIS B 54 35.49 16.51 17.88
N PHE B 55 34.96 15.42 17.32
CA PHE B 55 33.54 15.36 16.96
C PHE B 55 32.95 14.02 17.37
N ILE B 56 31.73 14.05 17.88
CA ILE B 56 31.06 12.81 18.26
C ILE B 56 29.74 12.64 17.51
N GLY B 57 29.62 11.49 16.84
CA GLY B 57 28.43 11.18 16.10
C GLY B 57 27.80 10.00 16.79
N LEU B 58 26.62 10.20 17.35
CA LEU B 58 25.92 9.15 18.08
C LEU B 58 24.49 9.03 17.54
N ARG B 59 23.73 8.10 18.10
CA ARG B 59 22.35 7.91 17.67
C ARG B 59 21.36 8.21 18.78
N SER B 60 20.94 7.21 19.52
CA SER B 60 19.96 7.44 20.59
C SER B 60 20.09 6.54 21.81
N ARG B 61 21.05 5.62 21.73
CA ARG B 61 21.28 4.68 22.81
C ARG B 61 22.29 5.29 23.78
N THR B 62 23.35 5.90 23.26
CA THR B 62 24.36 6.50 24.13
C THR B 62 23.79 7.75 24.78
N HIS B 63 24.06 7.91 26.07
CA HIS B 63 23.59 9.08 26.81
C HIS B 63 24.79 9.93 27.18
N LEU B 64 24.94 11.05 26.49
CA LEU B 64 26.04 11.98 26.70
C LEU B 64 25.65 12.94 27.82
N THR B 65 25.99 12.58 29.06
CA THR B 65 25.67 13.41 30.21
C THR B 65 26.83 14.32 30.61
N GLU B 66 26.60 15.15 31.62
CA GLU B 66 27.57 16.11 32.10
C GLU B 66 28.99 15.58 32.32
N ASP B 67 29.18 14.59 33.19
CA ASP B 67 30.54 14.10 33.40
C ASP B 67 31.16 13.40 32.19
N VAL B 68 30.32 13.02 31.22
CA VAL B 68 30.82 12.39 30.00
C VAL B 68 31.33 13.52 29.09
N ILE B 69 30.52 14.59 29.01
CA ILE B 69 30.86 15.77 28.21
C ILE B 69 32.10 16.41 28.83
N ASN B 70 32.13 16.44 30.17
CA ASN B 70 33.25 17.00 30.91
C ASN B 70 34.50 16.14 30.77
N ALA B 71 34.36 14.98 30.12
CA ALA B 71 35.48 14.07 29.92
C ALA B 71 36.17 14.33 28.57
N ALA B 72 35.43 14.91 27.62
CA ALA B 72 36.00 15.21 26.31
C ALA B 72 36.60 16.61 26.34
N GLU B 73 37.92 16.68 26.25
CA GLU B 73 38.60 17.96 26.29
C GLU B 73 38.78 18.63 24.93
N LYS B 74 38.66 17.88 23.84
CA LYS B 74 38.84 18.47 22.52
C LYS B 74 37.54 18.55 21.70
N LEU B 75 36.42 18.30 22.34
CA LEU B 75 35.11 18.29 21.70
C LEU B 75 34.72 19.63 21.06
N VAL B 76 34.48 19.62 19.75
CA VAL B 76 34.08 20.82 19.00
C VAL B 76 32.57 20.86 18.74
N ALA B 77 31.99 19.74 18.29
CA ALA B 77 30.56 19.66 18.01
C ALA B 77 29.97 18.25 18.20
N ILE B 78 28.66 18.19 18.41
CA ILE B 78 27.96 16.93 18.62
C ILE B 78 26.92 16.69 17.52
N GLY B 79 27.03 15.58 16.82
CA GLY B 79 26.08 15.26 15.78
C GLY B 79 25.16 14.11 16.15
N CYS B 80 23.86 14.41 16.28
CA CYS B 80 22.83 13.41 16.60
C CYS B 80 22.32 12.79 15.30
N PHE B 81 22.68 11.54 15.06
CA PHE B 81 22.23 10.84 13.86
C PHE B 81 20.85 10.23 14.13
N CYS B 82 19.88 11.13 14.27
CA CYS B 82 18.49 10.79 14.55
C CYS B 82 17.74 12.11 14.79
N ILE B 83 16.44 12.05 14.98
CA ILE B 83 15.66 13.26 15.24
C ILE B 83 15.67 13.53 16.75
N GLY B 84 15.48 12.46 17.53
CA GLY B 84 15.48 12.59 18.98
C GLY B 84 16.81 13.16 19.42
N THR B 85 16.79 14.07 20.39
CA THR B 85 18.01 14.71 20.82
C THR B 85 18.16 14.94 22.32
N ASN B 86 17.48 14.14 23.14
CA ASN B 86 17.57 14.35 24.59
C ASN B 86 18.44 13.36 25.36
N GLN B 87 19.25 12.59 24.65
CA GLN B 87 20.16 11.64 25.30
C GLN B 87 21.48 12.38 25.48
N VAL B 88 21.41 13.70 25.48
CA VAL B 88 22.59 14.55 25.60
C VAL B 88 22.33 15.80 26.46
N ASP B 89 23.34 16.17 27.25
CA ASP B 89 23.21 17.35 28.09
C ASP B 89 23.41 18.60 27.24
N LEU B 90 22.33 18.96 26.55
CA LEU B 90 22.29 20.12 25.67
C LEU B 90 22.95 21.37 26.26
N ASP B 91 22.35 21.93 27.30
CA ASP B 91 22.92 23.13 27.90
C ASP B 91 24.28 22.91 28.57
N ALA B 92 24.63 21.68 28.86
CA ALA B 92 25.95 21.46 29.44
C ALA B 92 26.95 21.53 28.28
N ALA B 93 26.48 21.29 27.06
CA ALA B 93 27.33 21.35 25.88
C ALA B 93 27.44 22.79 25.45
N ALA B 94 26.31 23.49 25.45
CA ALA B 94 26.25 24.90 25.09
C ALA B 94 27.23 25.67 25.96
N LYS B 95 27.14 25.43 27.27
CA LYS B 95 27.99 26.05 28.29
C LYS B 95 29.48 25.89 27.97
N ARG B 96 29.82 24.85 27.23
CA ARG B 96 31.21 24.59 26.86
C ARG B 96 31.49 25.01 25.42
N GLY B 97 30.53 25.68 24.79
CA GLY B 97 30.69 26.12 23.42
C GLY B 97 30.60 24.98 22.42
N ILE B 98 29.75 24.01 22.71
CA ILE B 98 29.58 22.84 21.85
C ILE B 98 28.16 22.78 21.28
N PRO B 99 28.00 23.05 19.98
CA PRO B 99 26.65 23.00 19.39
C PRO B 99 26.22 21.56 19.11
N VAL B 100 24.92 21.32 19.19
CA VAL B 100 24.35 20.01 18.94
C VAL B 100 23.50 20.11 17.68
N PHE B 101 23.71 19.17 16.76
CA PHE B 101 22.98 19.12 15.51
C PHE B 101 22.19 17.82 15.49
N ASN B 102 21.13 17.75 14.69
CA ASN B 102 20.33 16.53 14.58
C ASN B 102 19.72 16.51 13.19
N ALA B 103 18.95 15.47 12.87
CA ALA B 103 18.32 15.37 11.55
C ALA B 103 16.82 15.26 11.75
N PRO B 104 16.14 16.40 11.91
CA PRO B 104 14.68 16.45 12.12
C PRO B 104 13.82 15.81 11.02
N PHE B 105 13.58 16.54 9.95
CA PHE B 105 12.75 16.06 8.86
C PHE B 105 13.50 15.12 7.92
N SER B 106 14.26 14.19 8.49
CA SER B 106 15.07 13.26 7.71
C SER B 106 14.45 11.94 7.26
N ASN B 107 13.24 11.60 7.72
CA ASN B 107 12.65 10.31 7.33
C ASN B 107 11.15 10.33 7.01
N THR B 108 10.73 11.25 6.16
CA THR B 108 9.31 11.36 5.82
C THR B 108 8.75 10.37 4.78
N ARG B 109 9.51 10.04 3.74
CA ARG B 109 9.03 9.12 2.69
C ARG B 109 8.67 7.77 3.28
N SER B 110 9.51 7.33 4.22
CA SER B 110 9.34 6.05 4.91
C SER B 110 8.02 6.02 5.65
N VAL B 111 7.80 7.00 6.52
CA VAL B 111 6.58 7.05 7.29
C VAL B 111 5.37 7.07 6.38
N ALA B 112 5.45 7.81 5.27
CA ALA B 112 4.33 7.86 4.32
C ALA B 112 4.13 6.51 3.61
N GLU B 113 5.21 5.88 3.16
CA GLU B 113 5.12 4.57 2.50
C GLU B 113 4.45 3.61 3.51
N LEU B 114 4.78 3.72 4.80
CA LEU B 114 4.21 2.85 5.81
C LEU B 114 2.70 3.01 5.90
N VAL B 115 2.25 4.24 6.05
CA VAL B 115 0.83 4.54 6.14
C VAL B 115 0.01 4.11 4.90
N ILE B 116 0.47 4.40 3.69
CA ILE B 116 -0.26 4.01 2.49
C ILE B 116 -0.46 2.47 2.53
N GLY B 117 0.63 1.75 2.72
CA GLY B 117 0.57 0.31 2.78
C GLY B 117 -0.39 -0.22 3.82
N GLU B 118 -0.27 0.26 5.05
CA GLU B 118 -1.15 -0.19 6.11
C GLU B 118 -2.62 0.11 5.82
N LEU B 119 -2.94 1.29 5.31
CA LEU B 119 -4.35 1.60 5.05
C LEU B 119 -4.93 0.73 3.94
N LEU B 120 -4.15 0.41 2.92
CA LEU B 120 -4.63 -0.43 1.82
C LEU B 120 -5.13 -1.74 2.39
N LEU B 121 -4.26 -2.43 3.12
CA LEU B 121 -4.57 -3.72 3.71
C LEU B 121 -5.57 -3.67 4.87
N LEU B 122 -5.55 -2.61 5.65
CA LEU B 122 -6.47 -2.50 6.77
C LEU B 122 -7.88 -2.43 6.22
N LEU B 123 -8.02 -1.67 5.13
CA LEU B 123 -9.30 -1.49 4.45
C LEU B 123 -9.80 -2.80 3.86
N ARG B 124 -8.90 -3.77 3.71
CA ARG B 124 -9.21 -5.08 3.15
C ARG B 124 -9.40 -6.19 4.18
N GLY B 125 -9.18 -5.89 5.45
CA GLY B 125 -9.33 -6.91 6.48
C GLY B 125 -8.19 -7.90 6.46
N VAL B 126 -7.12 -7.58 5.73
CA VAL B 126 -5.98 -8.48 5.62
C VAL B 126 -5.26 -8.87 6.93
N PRO B 127 -5.07 -7.91 7.85
CA PRO B 127 -4.38 -8.30 9.09
C PRO B 127 -5.07 -9.45 9.85
N GLU B 128 -6.40 -9.45 9.84
CA GLU B 128 -7.18 -10.47 10.53
C GLU B 128 -7.21 -11.78 9.77
N ALA B 129 -7.61 -11.70 8.51
CA ALA B 129 -7.69 -12.86 7.64
C ALA B 129 -6.36 -13.60 7.69
N ASN B 130 -5.26 -12.84 7.72
CA ASN B 130 -3.93 -13.44 7.78
C ASN B 130 -3.65 -14.06 9.15
N ALA B 131 -4.06 -13.36 10.21
CA ALA B 131 -3.86 -13.82 11.58
C ALA B 131 -4.57 -15.15 11.71
N LYS B 132 -5.76 -15.23 11.14
CA LYS B 132 -6.54 -16.46 11.15
C LYS B 132 -5.92 -17.54 10.25
N ALA B 133 -5.54 -17.18 9.03
CA ALA B 133 -4.94 -18.13 8.11
C ALA B 133 -3.80 -18.87 8.80
N HIS B 134 -2.99 -18.14 9.54
CA HIS B 134 -1.86 -18.73 10.26
C HIS B 134 -2.27 -19.68 11.38
N ARG B 135 -3.40 -19.40 11.98
CA ARG B 135 -3.95 -20.18 13.08
C ARG B 135 -4.78 -21.38 12.54
N GLY B 136 -4.76 -21.54 11.21
CA GLY B 136 -5.46 -22.65 10.58
C GLY B 136 -6.88 -22.44 10.10
N VAL B 137 -7.46 -21.27 10.32
CA VAL B 137 -8.82 -21.03 9.87
C VAL B 137 -8.91 -20.24 8.57
N TRP B 138 -9.80 -20.69 7.70
CA TRP B 138 -10.04 -20.09 6.40
C TRP B 138 -11.26 -19.21 6.58
N ASN B 139 -11.11 -17.89 6.43
CA ASN B 139 -12.21 -16.95 6.62
C ASN B 139 -12.38 -16.02 5.43
N LYS B 140 -12.81 -16.57 4.30
CA LYS B 140 -13.01 -15.77 3.10
C LYS B 140 -14.33 -15.00 3.18
N LEU B 141 -14.24 -13.67 3.23
CA LEU B 141 -15.41 -12.79 3.29
C LEU B 141 -15.18 -11.56 2.41
N ALA B 142 -16.25 -11.01 1.85
CA ALA B 142 -16.18 -9.80 1.03
C ALA B 142 -16.87 -8.72 1.85
N ALA B 143 -17.73 -9.17 2.77
CA ALA B 143 -18.54 -8.37 3.68
C ALA B 143 -18.23 -6.90 3.86
N GLY B 144 -17.01 -6.59 4.32
CA GLY B 144 -16.66 -5.20 4.53
C GLY B 144 -15.27 -4.89 4.03
N SER B 145 -14.96 -5.35 2.81
CA SER B 145 -13.65 -5.08 2.22
C SER B 145 -13.90 -4.02 1.17
N PHE B 146 -13.01 -3.02 1.12
CA PHE B 146 -13.16 -1.93 0.16
C PHE B 146 -11.87 -1.56 -0.53
N GLU B 147 -11.99 -1.01 -1.73
CA GLU B 147 -10.83 -0.58 -2.49
C GLU B 147 -10.48 0.81 -2.01
N ALA B 148 -9.20 1.17 -2.08
CA ALA B 148 -8.76 2.48 -1.65
C ALA B 148 -9.30 3.55 -2.59
N ARG B 149 -9.37 3.19 -3.87
CA ARG B 149 -9.85 4.10 -4.90
C ARG B 149 -11.25 4.61 -4.57
N GLY B 150 -11.37 5.94 -4.47
CA GLY B 150 -12.64 6.58 -4.18
C GLY B 150 -12.88 6.94 -2.72
N LYS B 151 -11.98 6.50 -1.83
CA LYS B 151 -12.15 6.76 -0.40
C LYS B 151 -11.57 8.09 0.02
N LYS B 152 -12.04 8.61 1.15
CA LYS B 152 -11.59 9.89 1.70
C LYS B 152 -10.60 9.68 2.84
N LEU B 153 -9.41 10.24 2.68
CA LEU B 153 -8.36 10.14 3.70
C LEU B 153 -8.41 11.41 4.54
N GLY B 154 -8.20 11.27 5.84
CA GLY B 154 -8.23 12.42 6.73
C GLY B 154 -6.91 12.61 7.45
N ILE B 155 -6.15 13.61 7.03
CA ILE B 155 -4.87 13.92 7.65
C ILE B 155 -5.00 15.00 8.73
N ILE B 156 -4.47 14.74 9.93
CA ILE B 156 -4.49 15.71 11.01
C ILE B 156 -3.02 16.05 11.24
N GLY B 157 -2.62 17.24 10.83
CA GLY B 157 -1.23 17.63 10.94
C GLY B 157 -0.66 17.60 9.54
N TYR B 158 -0.90 18.68 8.80
CA TYR B 158 -0.43 18.80 7.42
C TYR B 158 0.99 19.38 7.31
N GLY B 159 1.98 18.69 7.88
CA GLY B 159 3.35 19.16 7.82
C GLY B 159 4.19 18.40 6.81
N HIS B 160 5.40 18.00 7.20
CA HIS B 160 6.29 17.28 6.30
C HIS B 160 5.79 15.94 5.80
N ILE B 161 5.17 15.18 6.68
CA ILE B 161 4.64 13.88 6.30
C ILE B 161 3.24 13.97 5.72
N GLY B 162 2.37 14.72 6.37
CA GLY B 162 1.00 14.86 5.89
C GLY B 162 0.93 15.17 4.41
N THR B 163 1.84 16.02 3.94
CA THR B 163 1.89 16.40 2.54
C THR B 163 2.17 15.19 1.66
N GLN B 164 3.28 14.51 1.93
CA GLN B 164 3.69 13.33 1.19
C GLN B 164 2.58 12.31 1.11
N LEU B 165 2.02 11.97 2.26
CA LEU B 165 0.95 10.99 2.31
C LEU B 165 -0.18 11.45 1.40
N GLY B 166 -0.50 12.73 1.46
CA GLY B 166 -1.58 13.26 0.63
C GLY B 166 -1.33 13.08 -0.85
N ILE B 167 -0.07 13.25 -1.25
CA ILE B 167 0.32 13.11 -2.64
C ILE B 167 0.21 11.67 -3.10
N LEU B 168 0.84 10.76 -2.34
CA LEU B 168 0.83 9.35 -2.67
C LEU B 168 -0.59 8.82 -2.71
N ALA B 169 -1.40 9.23 -1.74
CA ALA B 169 -2.78 8.78 -1.65
C ALA B 169 -3.59 9.11 -2.90
N GLU B 170 -3.40 10.31 -3.44
CA GLU B 170 -4.12 10.71 -4.64
C GLU B 170 -3.78 9.83 -5.84
N SER B 171 -2.60 9.25 -5.81
CA SER B 171 -2.16 8.37 -6.86
C SER B 171 -2.98 7.11 -6.79
N LEU B 172 -3.34 6.70 -5.58
CA LEU B 172 -4.15 5.49 -5.41
C LEU B 172 -5.62 5.75 -5.65
N GLY B 173 -5.97 6.99 -5.97
CA GLY B 173 -7.34 7.36 -6.26
C GLY B 173 -8.19 7.83 -5.10
N MET B 174 -7.57 8.38 -4.06
CA MET B 174 -8.33 8.85 -2.89
C MET B 174 -8.53 10.36 -2.85
N TYR B 175 -9.42 10.78 -1.96
CA TYR B 175 -9.73 12.19 -1.78
C TYR B 175 -9.15 12.57 -0.43
N VAL B 176 -8.07 13.36 -0.44
CA VAL B 176 -7.44 13.78 0.81
C VAL B 176 -7.94 15.11 1.32
N TYR B 177 -8.24 15.15 2.61
CA TYR B 177 -8.71 16.34 3.29
C TYR B 177 -7.78 16.47 4.47
N PHE B 178 -7.66 17.67 5.02
CA PHE B 178 -6.78 17.82 6.16
C PHE B 178 -7.22 18.85 7.17
N TYR B 179 -6.61 18.77 8.34
CA TYR B 179 -6.89 19.66 9.43
C TYR B 179 -5.55 20.02 10.06
N ASP B 180 -5.33 21.32 10.18
CA ASP B 180 -4.12 21.81 10.80
C ASP B 180 -4.49 23.00 11.66
N ILE B 181 -3.73 23.21 12.72
CA ILE B 181 -3.97 24.32 13.64
C ILE B 181 -3.59 25.64 12.92
N GLU B 182 -2.85 25.50 11.83
CA GLU B 182 -2.38 26.64 11.05
C GLU B 182 -2.86 26.46 9.61
N ASN B 183 -3.18 27.56 8.94
CA ASN B 183 -3.64 27.52 7.56
C ASN B 183 -2.48 27.11 6.66
N LYS B 184 -2.69 26.11 5.81
CA LYS B 184 -1.64 25.64 4.92
C LYS B 184 -2.05 25.78 3.47
N LEU B 185 -1.06 25.60 2.60
CA LEU B 185 -1.28 25.66 1.16
C LEU B 185 -1.42 24.23 0.68
N PRO B 186 -2.66 23.82 0.33
CA PRO B 186 -3.00 22.49 -0.16
C PRO B 186 -2.23 22.10 -1.41
N LEU B 187 -1.56 20.95 -1.36
CA LEU B 187 -0.82 20.47 -2.52
C LEU B 187 -1.72 19.56 -3.34
N GLY B 188 -1.58 19.66 -4.66
CA GLY B 188 -2.39 18.85 -5.55
C GLY B 188 -3.84 19.23 -5.41
N ASN B 189 -4.65 18.33 -4.88
CA ASN B 189 -6.07 18.61 -4.70
C ASN B 189 -6.53 18.28 -3.29
N ALA B 190 -5.64 18.48 -2.32
CA ALA B 190 -5.95 18.24 -0.91
C ALA B 190 -6.92 19.34 -0.51
N THR B 191 -7.84 19.05 0.40
CA THR B 191 -8.80 20.07 0.82
C THR B 191 -8.80 20.30 2.31
N GLN B 192 -8.42 21.51 2.71
CA GLN B 192 -8.37 21.89 4.12
C GLN B 192 -9.81 21.98 4.67
N VAL B 193 -10.01 21.39 5.85
CA VAL B 193 -11.31 21.41 6.49
C VAL B 193 -11.21 22.29 7.74
N GLN B 194 -12.23 23.11 7.94
CA GLN B 194 -12.28 24.05 9.05
C GLN B 194 -12.26 23.44 10.44
N HIS B 195 -13.24 22.61 10.76
CA HIS B 195 -13.30 22.00 12.08
C HIS B 195 -13.00 20.50 12.06
N LEU B 196 -12.32 20.02 13.10
CA LEU B 196 -11.96 18.60 13.25
C LEU B 196 -13.18 17.71 13.06
N SER B 197 -14.27 18.11 13.69
CA SER B 197 -15.53 17.39 13.64
C SER B 197 -15.90 17.07 12.20
N ASP B 198 -15.80 18.07 11.33
CA ASP B 198 -16.13 17.89 9.92
C ASP B 198 -15.24 16.79 9.34
N LEU B 199 -13.95 16.88 9.64
CA LEU B 199 -12.99 15.90 9.16
C LEU B 199 -13.44 14.52 9.64
N LEU B 200 -13.44 14.37 10.96
CA LEU B 200 -13.85 13.14 11.60
C LEU B 200 -15.14 12.56 11.04
N ASN B 201 -16.14 13.41 10.81
CA ASN B 201 -17.41 12.93 10.31
C ASN B 201 -17.39 12.32 8.94
N MET B 202 -16.49 12.79 8.08
CA MET B 202 -16.45 12.29 6.71
C MET B 202 -15.26 11.44 6.27
N SER B 203 -14.35 11.15 7.18
CA SER B 203 -13.19 10.37 6.81
C SER B 203 -13.25 8.87 7.07
N ASP B 204 -12.94 8.12 6.02
CA ASP B 204 -12.92 6.67 6.08
C ASP B 204 -11.70 6.18 6.87
N VAL B 205 -10.55 6.78 6.62
CA VAL B 205 -9.32 6.44 7.33
C VAL B 205 -8.69 7.76 7.76
N VAL B 206 -8.38 7.87 9.05
CA VAL B 206 -7.77 9.08 9.62
C VAL B 206 -6.34 8.76 10.00
N SER B 207 -5.43 9.67 9.68
CA SER B 207 -4.02 9.48 9.99
C SER B 207 -3.51 10.72 10.73
N LEU B 208 -2.77 10.51 11.81
CA LEU B 208 -2.21 11.60 12.61
C LEU B 208 -0.74 11.83 12.37
N HIS B 209 -0.37 13.05 11.98
CA HIS B 209 1.03 13.44 11.74
C HIS B 209 1.23 14.79 12.42
N VAL B 210 0.99 14.75 13.72
CA VAL B 210 1.08 15.89 14.62
C VAL B 210 2.28 15.75 15.53
N PRO B 211 2.83 16.88 16.03
CA PRO B 211 4.00 16.87 16.92
C PRO B 211 3.61 16.63 18.38
N GLU B 212 4.59 16.28 19.21
CA GLU B 212 4.31 16.03 20.62
C GLU B 212 4.39 17.32 21.43
N ASN B 213 3.30 17.65 22.11
CA ASN B 213 3.24 18.83 22.97
C ASN B 213 1.91 18.82 23.74
N PRO B 214 1.73 19.74 24.71
CA PRO B 214 0.51 19.79 25.51
C PRO B 214 -0.84 19.79 24.77
N SER B 215 -0.98 20.57 23.72
CA SER B 215 -2.26 20.62 22.98
C SER B 215 -2.63 19.34 22.23
N THR B 216 -1.68 18.44 22.02
CA THR B 216 -1.93 17.21 21.30
C THR B 216 -2.03 15.98 22.20
N LYS B 217 -1.77 16.19 23.49
CA LYS B 217 -1.83 15.16 24.52
C LYS B 217 -3.24 14.59 24.53
N ASN B 218 -3.36 13.29 24.27
CA ASN B 218 -4.63 12.60 24.23
C ASN B 218 -5.63 13.36 23.39
N MET B 219 -5.11 13.93 22.31
CA MET B 219 -5.90 14.70 21.38
C MET B 219 -7.11 13.90 20.92
N MET B 220 -6.84 12.67 20.48
CA MET B 220 -7.88 11.75 20.02
C MET B 220 -8.35 10.88 21.18
N GLY B 221 -9.49 11.25 21.76
CA GLY B 221 -10.03 10.51 22.88
C GLY B 221 -11.41 9.97 22.55
N ALA B 222 -12.15 9.59 23.59
CA ALA B 222 -13.50 9.03 23.44
C ALA B 222 -14.41 9.87 22.54
N LYS B 223 -14.45 11.16 22.80
CA LYS B 223 -15.25 12.11 22.04
C LYS B 223 -14.87 12.11 20.56
N GLU B 224 -13.62 12.46 20.27
CA GLU B 224 -13.15 12.51 18.89
C GLU B 224 -13.41 11.21 18.14
N ILE B 225 -13.06 10.08 18.75
CA ILE B 225 -13.28 8.79 18.13
C ILE B 225 -14.77 8.57 17.86
N SER B 226 -15.60 8.92 18.84
CA SER B 226 -17.04 8.74 18.68
C SER B 226 -17.58 9.59 17.52
N LEU B 227 -16.78 10.54 17.06
CA LEU B 227 -17.21 11.41 15.96
C LEU B 227 -16.89 10.77 14.59
N MET B 228 -15.94 9.85 14.58
CA MET B 228 -15.54 9.17 13.35
C MET B 228 -16.69 8.33 12.82
N LYS B 229 -16.92 8.39 11.50
CA LYS B 229 -18.00 7.63 10.89
C LYS B 229 -17.82 6.16 11.20
N PRO B 230 -18.94 5.45 11.41
CA PRO B 230 -18.92 4.02 11.72
C PRO B 230 -18.19 3.21 10.66
N GLY B 231 -17.32 2.32 11.11
CA GLY B 231 -16.58 1.49 10.19
C GLY B 231 -15.30 2.11 9.65
N SER B 232 -14.85 3.19 10.27
CA SER B 232 -13.62 3.87 9.82
C SER B 232 -12.36 3.25 10.44
N LEU B 233 -11.20 3.69 9.96
CA LEU B 233 -9.91 3.21 10.41
C LEU B 233 -9.11 4.39 10.96
N LEU B 234 -8.25 4.12 11.94
CA LEU B 234 -7.40 5.15 12.56
C LEU B 234 -5.96 4.65 12.49
N ILE B 235 -5.07 5.50 11.98
CA ILE B 235 -3.66 5.14 11.88
C ILE B 235 -2.78 6.16 12.59
N ASN B 236 -2.13 5.75 13.68
CA ASN B 236 -1.27 6.64 14.45
C ASN B 236 0.22 6.28 14.39
N ALA B 237 0.95 7.02 13.56
CA ALA B 237 2.39 6.82 13.39
C ALA B 237 3.18 8.10 13.70
N SER B 238 2.64 8.92 14.59
CA SER B 238 3.32 10.16 14.97
C SER B 238 3.95 10.03 16.35
N ARG B 239 3.18 10.35 17.39
CA ARG B 239 3.67 10.28 18.76
C ARG B 239 2.71 9.46 19.63
N GLY B 240 3.26 8.60 20.46
CA GLY B 240 2.44 7.75 21.30
C GLY B 240 1.59 8.42 22.37
N THR B 241 1.52 9.74 22.36
CA THR B 241 0.73 10.43 23.38
C THR B 241 -0.51 11.10 22.86
N VAL B 242 -0.73 10.99 21.55
CA VAL B 242 -1.86 11.62 20.89
C VAL B 242 -3.18 10.84 20.94
N VAL B 243 -3.11 9.54 21.13
CA VAL B 243 -4.31 8.71 21.14
C VAL B 243 -4.60 8.10 22.50
N ASP B 244 -5.85 8.21 22.93
CA ASP B 244 -6.27 7.63 24.19
C ASP B 244 -6.49 6.15 23.90
N ILE B 245 -5.50 5.33 24.24
CA ILE B 245 -5.57 3.89 23.99
C ILE B 245 -6.86 3.20 24.49
N PRO B 246 -7.17 3.32 25.80
CA PRO B 246 -8.38 2.69 26.35
C PRO B 246 -9.61 3.07 25.53
N ALA B 247 -9.74 4.35 25.23
CA ALA B 247 -10.87 4.81 24.43
C ALA B 247 -10.82 4.11 23.08
N LEU B 248 -9.62 3.89 22.56
CA LEU B 248 -9.45 3.24 21.26
C LEU B 248 -9.85 1.76 21.32
N CYS B 249 -9.63 1.12 22.47
CA CYS B 249 -9.99 -0.29 22.64
C CYS B 249 -11.52 -0.47 22.67
N ASP B 250 -12.23 0.49 23.27
CA ASP B 250 -13.68 0.40 23.34
C ASP B 250 -14.35 0.53 21.97
N ALA B 251 -13.83 1.40 21.11
CA ALA B 251 -14.39 1.57 19.76
C ALA B 251 -14.16 0.30 18.95
N LEU B 252 -12.95 -0.25 19.06
CA LEU B 252 -12.59 -1.47 18.37
C LEU B 252 -13.50 -2.61 18.87
N ALA B 253 -13.57 -2.77 20.18
CA ALA B 253 -14.40 -3.77 20.78
C ALA B 253 -15.87 -3.64 20.36
N SER B 254 -16.35 -2.41 20.23
CA SER B 254 -17.74 -2.18 19.85
C SER B 254 -17.96 -2.00 18.35
N LYS B 255 -16.97 -2.39 17.55
CA LYS B 255 -17.05 -2.30 16.10
C LYS B 255 -17.32 -0.90 15.55
N HIS B 256 -17.08 0.15 16.35
CA HIS B 256 -17.27 1.50 15.84
C HIS B 256 -16.20 1.72 14.75
N LEU B 257 -15.01 1.19 15.02
CA LEU B 257 -13.90 1.27 14.09
C LEU B 257 -13.67 -0.14 13.56
N ALA B 258 -13.33 -0.24 12.28
CA ALA B 258 -13.11 -1.50 11.63
C ALA B 258 -11.74 -2.06 11.94
N GLY B 259 -10.82 -1.21 12.35
CA GLY B 259 -9.47 -1.62 12.67
C GLY B 259 -8.59 -0.40 12.86
N ALA B 260 -7.32 -0.60 13.12
CA ALA B 260 -6.43 0.52 13.31
C ALA B 260 -4.98 0.10 13.16
N ALA B 261 -4.08 1.07 13.08
CA ALA B 261 -2.65 0.78 12.97
C ALA B 261 -1.95 1.72 13.94
N ILE B 262 -1.17 1.15 14.84
CA ILE B 262 -0.48 1.93 15.84
C ILE B 262 1.01 1.57 15.79
N ASP B 263 1.84 2.60 15.58
CA ASP B 263 3.29 2.41 15.47
C ASP B 263 4.05 2.99 16.66
N VAL B 264 3.40 3.87 17.39
CA VAL B 264 4.00 4.51 18.56
C VAL B 264 3.05 4.41 19.74
N PHE B 265 3.59 3.99 20.87
CA PHE B 265 2.78 3.82 22.08
C PHE B 265 3.22 4.75 23.20
N PRO B 266 2.41 4.88 24.26
CA PRO B 266 2.70 5.74 25.43
C PRO B 266 4.02 5.39 26.12
N THR B 267 4.25 4.10 26.36
CA THR B 267 5.48 3.64 26.99
C THR B 267 6.02 2.51 26.12
N GLU B 268 7.23 2.69 25.61
CA GLU B 268 7.82 1.71 24.72
C GLU B 268 9.04 1.05 25.34
N PRO B 269 9.19 -0.28 25.14
CA PRO B 269 10.35 -1.01 25.69
C PRO B 269 11.66 -0.30 25.32
N ALA B 270 12.59 -0.23 26.27
CA ALA B 270 13.87 0.44 26.03
C ALA B 270 14.84 -0.39 25.19
N THR B 271 14.49 -1.65 24.95
CA THR B 271 15.33 -2.51 24.16
C THR B 271 14.50 -3.69 23.67
N ASN B 272 14.94 -4.28 22.56
CA ASN B 272 14.24 -5.42 21.97
C ASN B 272 14.13 -6.60 22.93
N SER B 273 14.92 -6.56 23.99
CA SER B 273 14.91 -7.63 24.99
C SER B 273 13.85 -7.40 26.05
N ASP B 274 13.09 -6.33 25.91
CA ASP B 274 12.04 -6.02 26.85
C ASP B 274 10.66 -6.32 26.24
N PRO B 275 9.78 -6.92 27.04
CA PRO B 275 8.42 -7.29 26.64
C PRO B 275 7.47 -6.15 26.33
N PHE B 276 6.79 -6.30 25.20
CA PHE B 276 5.80 -5.34 24.77
C PHE B 276 4.51 -5.82 25.45
N THR B 277 3.63 -4.89 25.81
CA THR B 277 2.37 -5.20 26.48
C THR B 277 1.38 -4.09 26.15
N SER B 278 0.20 -4.46 25.64
CA SER B 278 -0.82 -3.48 25.27
C SER B 278 -2.17 -4.15 25.05
N PRO B 279 -3.26 -3.46 25.45
CA PRO B 279 -4.62 -3.97 25.30
C PRO B 279 -4.89 -4.25 23.81
N LEU B 280 -4.21 -3.51 22.93
CA LEU B 280 -4.36 -3.67 21.49
C LEU B 280 -3.98 -5.06 20.99
N CYS B 281 -3.32 -5.85 21.84
CA CYS B 281 -2.91 -7.20 21.47
C CYS B 281 -4.08 -8.19 21.33
N GLU B 282 -5.22 -7.84 21.89
CA GLU B 282 -6.41 -8.69 21.80
C GLU B 282 -7.06 -8.64 20.43
N PHE B 283 -6.75 -7.61 19.65
CA PHE B 283 -7.38 -7.46 18.35
C PHE B 283 -6.55 -7.90 17.17
N ASP B 284 -7.17 -8.71 16.32
CA ASP B 284 -6.53 -9.22 15.10
C ASP B 284 -6.57 -8.12 14.05
N ASN B 285 -7.65 -7.36 14.06
CA ASN B 285 -7.85 -6.26 13.14
C ASN B 285 -7.01 -5.03 13.53
N VAL B 286 -5.81 -5.28 14.06
CA VAL B 286 -4.92 -4.22 14.47
C VAL B 286 -3.47 -4.56 14.15
N LEU B 287 -2.80 -3.65 13.45
CA LEU B 287 -1.39 -3.82 13.10
C LEU B 287 -0.55 -3.10 14.14
N LEU B 288 0.19 -3.85 14.94
CA LEU B 288 1.03 -3.28 15.98
C LEU B 288 2.44 -3.32 15.43
N THR B 289 3.11 -2.17 15.44
CA THR B 289 4.48 -2.10 14.94
C THR B 289 5.38 -1.46 16.00
N PRO B 290 6.61 -1.99 16.16
CA PRO B 290 7.62 -1.54 17.13
C PRO B 290 8.28 -0.19 16.88
N HIS B 291 7.47 0.84 16.69
CA HIS B 291 8.00 2.16 16.43
C HIS B 291 8.98 2.19 15.26
N ILE B 292 8.54 1.68 14.12
CA ILE B 292 9.34 1.73 12.89
C ILE B 292 8.63 2.73 11.98
N GLY B 293 8.88 2.75 10.69
CA GLY B 293 8.18 3.75 9.91
C GLY B 293 9.21 4.76 9.51
N GLY B 294 10.13 4.99 10.43
CA GLY B 294 11.22 5.89 10.12
C GLY B 294 12.39 4.95 9.90
N SER B 295 12.30 3.78 10.52
CA SER B 295 13.34 2.78 10.47
C SER B 295 13.51 2.05 9.14
N THR B 296 14.03 2.74 8.15
CA THR B 296 14.27 2.14 6.85
C THR B 296 15.70 2.47 6.47
N GLN B 297 16.31 1.58 5.70
CA GLN B 297 17.67 1.73 5.25
C GLN B 297 17.92 3.06 4.52
N GLU B 298 17.01 3.48 3.66
CA GLU B 298 17.25 4.74 2.96
C GLU B 298 17.19 5.95 3.87
N ALA B 299 16.42 5.87 4.96
CA ALA B 299 16.30 6.97 5.91
C ALA B 299 17.64 7.10 6.62
N GLN B 300 18.14 6.00 7.15
CA GLN B 300 19.43 5.99 7.82
C GLN B 300 20.46 6.59 6.88
N GLU B 301 20.30 6.32 5.59
CA GLU B 301 21.21 6.79 4.56
C GLU B 301 21.25 8.30 4.46
N ASN B 302 20.09 8.95 4.35
CA ASN B 302 20.14 10.40 4.26
C ASN B 302 20.30 11.09 5.59
N ILE B 303 20.01 10.38 6.69
CA ILE B 303 20.22 10.96 8.01
C ILE B 303 21.72 11.13 8.08
N GLY B 304 22.45 10.09 7.73
CA GLY B 304 23.90 10.13 7.75
C GLY B 304 24.46 11.28 6.92
N LEU B 305 24.02 11.37 5.68
CA LEU B 305 24.50 12.43 4.79
C LEU B 305 24.23 13.79 5.39
N GLU B 306 23.02 14.00 5.88
CA GLU B 306 22.65 15.28 6.45
C GLU B 306 23.46 15.72 7.65
N VAL B 307 23.51 14.90 8.70
CA VAL B 307 24.23 15.31 9.90
C VAL B 307 25.75 15.32 9.79
N ALA B 308 26.31 14.47 8.94
CA ALA B 308 27.76 14.48 8.73
C ALA B 308 28.03 15.77 7.98
N GLY B 309 27.02 16.23 7.27
CA GLY B 309 27.14 17.46 6.49
C GLY B 309 27.13 18.66 7.39
N LYS B 310 26.23 18.64 8.37
CA LYS B 310 26.14 19.75 9.31
C LYS B 310 27.43 19.90 10.10
N LEU B 311 28.03 18.77 10.48
CA LEU B 311 29.28 18.76 11.23
C LEU B 311 30.43 19.30 10.38
N ILE B 312 30.42 18.94 9.10
CA ILE B 312 31.45 19.41 8.17
C ILE B 312 31.35 20.91 7.97
N LYS B 313 30.17 21.41 7.64
CA LYS B 313 29.98 22.84 7.44
C LYS B 313 30.42 23.62 8.66
N TYR B 314 30.07 23.15 9.86
CA TYR B 314 30.44 23.83 11.09
C TYR B 314 31.96 23.87 11.18
N SER B 315 32.56 22.72 10.96
CA SER B 315 34.00 22.59 11.01
C SER B 315 34.64 23.59 10.05
N ASP B 316 34.25 23.52 8.79
CA ASP B 316 34.81 24.36 7.75
C ASP B 316 34.53 25.84 7.76
N ASN B 317 33.30 26.25 8.10
CA ASN B 317 32.98 27.66 8.05
C ASN B 317 32.12 28.31 9.13
N GLY B 318 32.08 27.71 10.31
CA GLY B 318 31.35 28.28 11.42
C GLY B 318 29.83 28.31 11.41
N SER B 319 29.20 27.72 10.39
CA SER B 319 27.74 27.72 10.32
C SER B 319 27.05 26.92 11.44
N THR B 320 26.15 27.59 12.15
CA THR B 320 25.40 26.96 13.22
C THR B 320 23.92 26.85 12.88
N LEU B 321 23.54 27.13 11.64
CA LEU B 321 22.14 27.00 11.28
C LEU B 321 21.64 25.62 11.64
N SER B 322 20.42 25.57 12.16
CA SER B 322 19.74 24.35 12.58
C SER B 322 20.27 23.79 13.90
N ALA B 323 21.32 24.39 14.44
CA ALA B 323 21.90 23.93 15.71
C ALA B 323 20.83 23.98 16.78
N VAL B 324 20.69 22.88 17.49
CA VAL B 324 19.69 22.72 18.54
C VAL B 324 19.85 23.58 19.81
N ASN B 325 21.08 23.64 20.33
CA ASN B 325 21.40 24.36 21.56
C ASN B 325 22.38 25.51 21.31
N PHE B 326 22.13 26.33 20.30
CA PHE B 326 23.11 27.38 20.00
C PHE B 326 22.49 28.46 19.17
N PRO B 327 23.07 29.68 19.21
CA PRO B 327 22.52 30.78 18.41
C PRO B 327 22.88 30.47 16.94
N GLU B 328 21.99 30.79 16.02
CA GLU B 328 22.21 30.49 14.62
C GLU B 328 22.84 31.58 13.76
N VAL B 329 23.99 31.25 13.18
CA VAL B 329 24.71 32.16 12.30
C VAL B 329 25.33 31.38 11.17
N SER B 330 25.49 32.06 10.04
CA SER B 330 26.11 31.51 8.84
C SER B 330 26.44 32.76 8.05
N LEU B 331 27.55 32.74 7.32
CA LEU B 331 27.98 33.91 6.58
C LEU B 331 28.43 33.45 5.22
N PRO B 332 27.91 34.08 4.14
CA PRO B 332 28.28 33.72 2.77
C PRO B 332 29.79 33.83 2.63
N LEU B 333 30.45 32.68 2.53
CA LEU B 333 31.89 32.69 2.42
C LEU B 333 32.34 33.31 1.12
N HIS B 334 33.30 34.22 1.25
CA HIS B 334 33.90 34.91 0.12
C HIS B 334 34.98 35.81 0.64
N GLY B 335 36.22 35.38 0.45
CA GLY B 335 37.36 36.15 0.92
C GLY B 335 38.08 35.32 1.94
N GLY B 336 39.41 35.41 1.94
CA GLY B 336 40.22 34.66 2.88
C GLY B 336 40.20 35.16 4.30
N ARG B 337 40.52 34.26 5.23
CA ARG B 337 40.59 34.55 6.65
C ARG B 337 39.27 34.67 7.41
N ARG B 338 38.86 33.55 8.00
CA ARG B 338 37.64 33.51 8.79
C ARG B 338 37.96 32.94 10.16
N LEU B 339 37.56 33.67 11.19
CA LEU B 339 37.77 33.26 12.58
C LEU B 339 36.40 33.27 13.28
N MET B 340 36.31 32.62 14.44
CA MET B 340 35.05 32.58 15.19
C MET B 340 35.27 32.78 16.70
N HIS B 341 34.22 33.22 17.39
CA HIS B 341 34.33 33.49 18.81
C HIS B 341 33.05 33.16 19.58
N ILE B 342 33.20 32.39 20.66
CA ILE B 342 32.07 32.01 21.51
C ILE B 342 32.42 32.66 22.85
N HIS B 343 31.47 33.37 23.44
CA HIS B 343 31.76 34.06 24.70
C HIS B 343 30.52 34.36 25.55
N GLU B 344 30.73 35.04 26.67
CA GLU B 344 29.66 35.44 27.57
C GLU B 344 28.93 36.62 26.98
N ASN B 345 27.61 36.56 26.98
CA ASN B 345 26.84 37.66 26.46
C ASN B 345 26.82 38.81 27.46
N ARG B 346 27.65 39.82 27.22
CA ARG B 346 27.73 40.99 28.08
C ARG B 346 28.41 42.16 27.37
N PRO B 347 28.16 43.40 27.81
CA PRO B 347 28.75 44.60 27.19
C PRO B 347 30.25 44.60 26.94
N GLY B 348 30.65 45.35 25.92
CA GLY B 348 32.05 45.48 25.57
C GLY B 348 32.85 44.32 25.02
N VAL B 349 32.32 43.10 25.02
CA VAL B 349 33.09 41.99 24.48
C VAL B 349 33.41 42.18 23.00
N LEU B 350 32.39 42.47 22.18
CA LEU B 350 32.55 42.67 20.74
C LEU B 350 33.49 43.81 20.38
N THR B 351 33.33 44.95 21.07
CA THR B 351 34.17 46.13 20.84
C THR B 351 35.65 45.78 20.99
N ALA B 352 35.97 45.08 22.07
CA ALA B 352 37.34 44.66 22.35
C ALA B 352 37.84 43.68 21.29
N LEU B 353 36.91 42.95 20.71
CA LEU B 353 37.21 41.97 19.68
C LEU B 353 37.56 42.69 18.40
N ASN B 354 36.78 43.71 18.09
CA ASN B 354 36.97 44.52 16.88
C ASN B 354 38.21 45.40 16.95
N LYS B 355 38.55 45.84 18.16
CA LYS B 355 39.71 46.69 18.39
C LYS B 355 41.00 46.05 17.88
N ILE B 356 41.16 44.75 18.18
CA ILE B 356 42.35 44.00 17.74
C ILE B 356 42.70 44.25 16.28
N PHE B 357 41.69 44.26 15.44
CA PHE B 357 41.92 44.46 14.02
C PHE B 357 42.09 45.94 13.71
N ALA B 358 41.26 46.78 14.31
CA ALA B 358 41.34 48.21 14.09
C ALA B 358 42.75 48.71 14.36
N GLU B 359 43.28 48.35 15.53
CA GLU B 359 44.62 48.77 15.92
C GLU B 359 45.75 48.13 15.13
N GLN B 360 45.42 47.17 14.26
CA GLN B 360 46.42 46.53 13.42
C GLN B 360 46.23 46.97 11.97
N GLY B 361 45.28 47.89 11.77
CA GLY B 361 45.00 48.40 10.44
C GLY B 361 44.41 47.36 9.50
N VAL B 362 43.81 46.32 10.09
CA VAL B 362 43.21 45.25 9.32
C VAL B 362 41.76 45.58 9.03
N ASN B 363 41.30 45.22 7.83
CA ASN B 363 39.94 45.50 7.42
C ASN B 363 39.05 44.29 7.70
N ILE B 364 37.87 44.54 8.25
CA ILE B 364 36.91 43.48 8.53
C ILE B 364 36.00 43.48 7.31
N ALA B 365 35.96 42.36 6.59
CA ALA B 365 35.14 42.24 5.39
C ALA B 365 33.65 42.00 5.66
N ALA B 366 33.35 41.13 6.62
CA ALA B 366 31.98 40.82 7.00
C ALA B 366 31.99 40.21 8.41
N GLN B 367 30.92 40.46 9.17
CA GLN B 367 30.82 39.97 10.52
C GLN B 367 29.37 39.67 10.94
N TYR B 368 29.14 38.50 11.52
CA TYR B 368 27.81 38.12 11.96
C TYR B 368 27.87 37.70 13.43
N LEU B 369 27.02 38.30 14.24
CA LEU B 369 26.95 38.03 15.66
C LEU B 369 25.50 37.81 16.01
N GLN B 370 25.23 36.68 16.65
CA GLN B 370 23.91 36.35 17.12
C GLN B 370 24.10 35.95 18.57
N THR B 371 23.14 36.27 19.40
CA THR B 371 23.30 35.98 20.80
C THR B 371 22.13 35.22 21.45
N SER B 372 22.46 34.38 22.42
CA SER B 372 21.46 33.61 23.15
C SER B 372 21.31 34.28 24.53
N ALA B 373 20.81 33.56 25.52
CA ALA B 373 20.63 34.13 26.85
C ALA B 373 21.95 34.55 27.46
N GLN B 374 22.81 33.58 27.75
CA GLN B 374 24.08 33.90 28.38
C GLN B 374 25.31 33.76 27.51
N MET B 375 25.12 33.49 26.21
CA MET B 375 26.26 33.36 25.32
C MET B 375 26.10 34.02 23.95
N GLY B 376 27.24 34.39 23.37
CA GLY B 376 27.23 35.04 22.08
C GLY B 376 28.22 34.34 21.17
N TYR B 377 27.84 34.19 19.91
CA TYR B 377 28.65 33.57 18.88
C TYR B 377 28.84 34.61 17.77
N VAL B 378 30.03 34.69 17.19
CA VAL B 378 30.27 35.66 16.14
C VAL B 378 31.29 35.10 15.17
N VAL B 379 30.98 35.23 13.88
CA VAL B 379 31.89 34.75 12.83
C VAL B 379 32.43 36.03 12.21
N ILE B 380 33.73 36.05 11.90
CA ILE B 380 34.37 37.23 11.35
C ILE B 380 35.23 36.93 10.14
N ASP B 381 35.18 37.83 9.15
CA ASP B 381 35.97 37.72 7.94
C ASP B 381 36.91 38.94 7.89
N ILE B 382 38.21 38.70 7.71
CA ILE B 382 39.17 39.80 7.65
C ILE B 382 40.05 39.73 6.41
N GLU B 383 40.35 40.88 5.84
CA GLU B 383 41.20 40.94 4.68
C GLU B 383 42.61 40.96 5.26
N ALA B 384 43.13 39.79 5.56
CA ALA B 384 44.46 39.70 6.13
C ALA B 384 45.22 38.47 5.67
N ASP B 385 46.44 38.33 6.17
CA ASP B 385 47.34 37.24 5.83
C ASP B 385 47.40 36.21 6.96
N GLU B 386 47.86 35.00 6.61
CA GLU B 386 48.00 33.88 7.54
C GLU B 386 48.62 34.26 8.89
N ASP B 387 49.69 35.02 8.84
CA ASP B 387 50.39 35.44 10.06
C ASP B 387 49.54 36.34 10.94
N VAL B 388 49.02 37.42 10.35
CA VAL B 388 48.20 38.38 11.08
C VAL B 388 47.01 37.68 11.73
N ALA B 389 46.48 36.68 11.04
CA ALA B 389 45.35 35.90 11.53
C ALA B 389 45.81 35.19 12.78
N GLU B 390 46.92 34.45 12.65
CA GLU B 390 47.50 33.72 13.78
C GLU B 390 47.65 34.64 14.98
N LYS B 391 48.13 35.85 14.72
CA LYS B 391 48.31 36.86 15.76
C LYS B 391 47.00 37.17 16.46
N ALA B 392 46.07 37.79 15.74
CA ALA B 392 44.77 38.15 16.30
C ALA B 392 44.12 37.03 17.09
N LEU B 393 44.31 35.79 16.64
CA LEU B 393 43.71 34.64 17.33
C LEU B 393 44.17 34.59 18.78
N GLN B 394 45.48 34.58 18.97
CA GLN B 394 46.09 34.54 20.29
C GLN B 394 45.47 35.64 21.16
N ALA B 395 45.28 36.82 20.57
CA ALA B 395 44.72 37.95 21.29
C ALA B 395 43.26 37.75 21.60
N MET B 396 42.50 37.27 20.62
CA MET B 396 41.07 37.01 20.78
C MET B 396 40.82 36.17 22.00
N LYS B 397 41.62 35.11 22.15
CA LYS B 397 41.50 34.20 23.26
C LYS B 397 41.58 34.89 24.63
N ALA B 398 42.33 35.99 24.69
CA ALA B 398 42.52 36.71 25.94
C ALA B 398 41.37 37.62 26.36
N ILE B 399 40.43 37.91 25.46
CA ILE B 399 39.35 38.79 25.82
C ILE B 399 38.50 38.21 26.94
N PRO B 400 38.41 38.93 28.08
CA PRO B 400 37.61 38.40 29.18
C PRO B 400 36.20 38.12 28.68
N GLY B 401 35.75 36.89 28.90
CA GLY B 401 34.43 36.45 28.47
C GLY B 401 34.55 35.30 27.48
N THR B 402 35.72 35.18 26.86
CA THR B 402 36.02 34.15 25.90
C THR B 402 35.83 32.74 26.43
N ILE B 403 35.20 31.89 25.63
CA ILE B 403 34.97 30.50 25.95
C ILE B 403 35.69 29.67 24.91
N ARG B 404 35.67 30.16 23.68
CA ARG B 404 36.31 29.47 22.59
C ARG B 404 36.51 30.43 21.41
N ALA B 405 37.62 30.27 20.69
CA ALA B 405 37.95 31.10 19.53
C ALA B 405 38.65 30.16 18.57
N ARG B 406 38.48 30.36 17.27
CA ARG B 406 39.11 29.46 16.30
C ARG B 406 39.31 30.12 14.92
N LEU B 407 40.37 29.70 14.22
CA LEU B 407 40.65 30.21 12.87
C LEU B 407 40.14 29.14 11.93
N LEU B 408 39.07 29.43 11.20
CA LEU B 408 38.48 28.45 10.29
C LEU B 408 39.26 28.26 9.01
N TYR B 409 39.84 29.34 8.50
CA TYR B 409 40.63 29.29 7.28
C TYR B 409 41.25 30.63 6.98
#